data_4TVY
#
_entry.id   4TVY
#
_cell.length_a   79.117
_cell.length_b   89.951
_cell.length_c   108.890
_cell.angle_alpha   90.000
_cell.angle_beta   90.000
_cell.angle_gamma   90.000
#
_symmetry.space_group_name_H-M   'P 21 21 21'
#
loop_
_entity.id
_entity.type
_entity.pdbx_description
1 polymer 'Lipoate-protein ligase A'
2 non-polymer 5-(3,7-dihydroxy-10H-phenoxazin-2-yl)pentanamide
3 water water
#
_entity_poly.entity_id   1
_entity_poly.type   'polypeptide(L)'
_entity_poly.pdbx_seq_one_letter_code
;GSHMSTLRLLISDSYDPWFNLAVAECIFRQMPATQRVLFLWRNADTVVIGRAQNPWKECNTRRMEEDNVRLARRSSGGGA
VFHDLGNTCFTFMAGKPEYDKTISTSIVLNALNALGVSAEASGRNDLVVKTVEGDRKVSGSAYRETKDRGAHGGTLLLNA
DLSRLANYLNPDKKKLAAKGITSVRSRVTNLTELLPGITHEQVCEAITEAFFAHYGERVEAEIISPNKTPDLPNFAETFA
RQSSWEWNFGQAPAFSHLLDERFTWGGVELHFDVEKGHITRAQVFTDSLNPAPLEALAGRLQGCLYRADMLQQECEALLV
DFPEQEKELRELSAWMAGAVR
;
_entity_poly.pdbx_strand_id   A,B
#
# COMPACT_ATOMS: atom_id res chain seq x y z
N SER A 5 -17.26 28.47 11.56
CA SER A 5 -16.81 28.67 12.94
C SER A 5 -15.30 28.89 13.00
N THR A 6 -14.76 28.86 14.21
CA THR A 6 -13.32 29.04 14.42
C THR A 6 -12.67 27.68 14.64
N LEU A 7 -13.46 26.62 14.52
CA LEU A 7 -12.99 25.28 14.84
C LEU A 7 -13.32 24.25 13.77
N ARG A 8 -12.40 23.32 13.57
CA ARG A 8 -12.63 22.16 12.70
C ARG A 8 -12.23 20.87 13.42
N LEU A 9 -13.17 19.93 13.54
CA LEU A 9 -12.93 18.69 14.26
C LEU A 9 -13.01 17.56 13.24
N LEU A 10 -11.90 16.86 13.04
CA LEU A 10 -11.87 15.75 12.09
C LEU A 10 -11.61 14.44 12.80
N ILE A 11 -12.50 13.47 12.57
CA ILE A 11 -12.37 12.14 13.14
C ILE A 11 -12.23 11.16 11.99
N SER A 12 -11.11 10.46 11.92
CA SER A 12 -10.93 9.46 10.89
C SER A 12 -11.60 8.15 11.28
N ASP A 13 -12.34 7.57 10.33
CA ASP A 13 -12.97 6.28 10.52
C ASP A 13 -12.17 5.21 9.75
N SER A 14 -10.98 5.59 9.30
CA SER A 14 -10.12 4.70 8.51
C SER A 14 -8.79 4.36 9.22
N TYR A 15 -8.40 3.09 9.17
CA TYR A 15 -7.13 2.66 9.75
C TYR A 15 -5.98 2.74 8.76
N ASP A 16 -6.25 3.34 7.59
CA ASP A 16 -5.25 3.46 6.53
C ASP A 16 -4.25 4.54 6.88
N PRO A 17 -3.02 4.13 7.22
CA PRO A 17 -2.00 5.11 7.65
C PRO A 17 -1.70 6.15 6.58
N TRP A 18 -1.79 5.80 5.31
CA TRP A 18 -1.48 6.77 4.25
C TRP A 18 -2.58 7.80 4.12
N PHE A 19 -3.81 7.38 4.39
CA PHE A 19 -4.93 8.31 4.43
C PHE A 19 -4.81 9.22 5.65
N ASN A 20 -4.62 8.62 6.82
CA ASN A 20 -4.51 9.41 8.04
C ASN A 20 -3.40 10.45 7.93
N LEU A 21 -2.21 10.01 7.52
CA LEU A 21 -1.07 10.93 7.33
C LEU A 21 -1.34 11.99 6.27
N ALA A 22 -2.07 11.60 5.23
CA ALA A 22 -2.44 12.56 4.19
C ALA A 22 -3.26 13.69 4.81
N VAL A 23 -4.17 13.35 5.72
CA VAL A 23 -4.98 14.38 6.37
C VAL A 23 -4.13 15.29 7.24
N ALA A 24 -3.27 14.71 8.06
CA ALA A 24 -2.37 15.52 8.88
C ALA A 24 -1.56 16.49 8.03
N GLU A 25 -1.17 16.05 6.84
CA GLU A 25 -0.36 16.88 5.96
C GLU A 25 -1.15 18.03 5.35
N CYS A 26 -2.36 17.74 4.88
CA CYS A 26 -3.20 18.80 4.32
C CYS A 26 -3.53 19.84 5.37
N ILE A 27 -3.81 19.36 6.58
CA ILE A 27 -4.08 20.27 7.69
C ILE A 27 -2.91 21.24 7.81
N PHE A 28 -1.69 20.70 7.84
CA PHE A 28 -0.51 21.53 8.06
C PHE A 28 -0.15 22.45 6.89
N ARG A 29 -0.29 21.96 5.66
CA ARG A 29 0.20 22.73 4.52
C ARG A 29 -0.86 23.14 3.50
N GLN A 30 -1.99 22.43 3.50
CA GLN A 30 -3.07 22.73 2.56
C GLN A 30 -4.11 23.67 3.15
N MET A 31 -4.59 23.34 4.34
CA MET A 31 -5.58 24.19 5.03
C MET A 31 -5.11 25.63 5.21
N PRO A 32 -6.08 26.56 5.26
CA PRO A 32 -5.83 27.94 5.69
C PRO A 32 -5.68 28.01 7.20
N ALA A 33 -4.88 28.95 7.70
CA ALA A 33 -4.60 29.05 9.13
C ALA A 33 -5.64 29.91 9.87
N THR A 34 -6.84 30.00 9.30
CA THR A 34 -7.91 30.79 9.87
C THR A 34 -8.56 30.11 11.06
N GLN A 35 -8.73 28.79 10.96
CA GLN A 35 -9.43 28.05 12.00
C GLN A 35 -8.51 27.26 12.92
N ARG A 36 -9.11 26.62 13.93
CA ARG A 36 -8.39 25.77 14.85
C ARG A 36 -8.87 24.35 14.63
N VAL A 37 -7.93 23.44 14.47
CA VAL A 37 -8.26 22.08 14.08
C VAL A 37 -7.81 21.02 15.08
N LEU A 38 -8.68 20.05 15.31
CA LEU A 38 -8.28 18.82 15.99
C LEU A 38 -8.59 17.62 15.08
N PHE A 39 -7.58 16.81 14.80
CA PHE A 39 -7.72 15.59 14.02
C PHE A 39 -7.37 14.39 14.89
N LEU A 40 -8.29 13.43 14.99
CA LEU A 40 -8.08 12.23 15.79
C LEU A 40 -8.21 10.99 14.92
N TRP A 41 -7.21 10.12 14.99
CA TRP A 41 -7.22 8.91 14.19
C TRP A 41 -6.43 7.79 14.84
N ARG A 42 -6.46 6.61 14.21
CA ARG A 42 -5.53 5.56 14.57
C ARG A 42 -5.20 4.72 13.35
N ASN A 43 -4.05 4.06 13.39
CA ASN A 43 -3.56 3.34 12.24
C ASN A 43 -3.52 1.85 12.53
N ALA A 44 -3.76 1.05 11.50
CA ALA A 44 -3.45 -0.37 11.58
C ALA A 44 -1.94 -0.46 11.56
N ASP A 45 -1.39 -1.66 11.78
CA ASP A 45 0.05 -1.88 11.85
C ASP A 45 0.84 -1.09 10.81
N THR A 46 1.66 -0.15 11.28
CA THR A 46 2.45 0.69 10.40
C THR A 46 3.77 1.11 11.05
N VAL A 47 4.82 1.10 10.25
CA VAL A 47 6.09 1.70 10.64
C VAL A 47 6.11 3.05 9.95
N VAL A 48 6.23 4.12 10.72
CA VAL A 48 6.37 5.45 10.14
C VAL A 48 7.85 5.86 10.22
N ILE A 49 8.41 6.27 9.08
CA ILE A 49 9.80 6.73 9.06
C ILE A 49 9.91 8.21 8.76
N GLY A 50 11.00 8.83 9.20
CA GLY A 50 11.27 10.20 8.82
C GLY A 50 11.49 10.28 7.33
N ARG A 51 11.40 11.49 6.76
CA ARG A 51 11.42 11.62 5.31
C ARG A 51 12.77 11.28 4.66
N ALA A 52 13.85 11.37 5.43
CA ALA A 52 15.17 11.15 4.83
C ALA A 52 15.79 9.82 5.21
N GLN A 53 14.98 8.93 5.80
CA GLN A 53 15.48 7.61 6.17
C GLN A 53 15.49 6.64 5.01
N ASN A 54 16.35 5.62 5.11
CA ASN A 54 16.42 4.54 4.16
C ASN A 54 15.77 3.32 4.80
N PRO A 55 14.52 3.02 4.40
CA PRO A 55 13.78 1.91 4.99
C PRO A 55 14.42 0.56 4.68
N TRP A 56 15.12 0.45 3.56
CA TRP A 56 15.83 -0.78 3.20
C TRP A 56 16.92 -1.11 4.22
N LYS A 57 17.48 -0.08 4.84
CA LYS A 57 18.42 -0.26 5.95
C LYS A 57 17.67 -0.31 7.27
N GLU A 58 16.77 0.64 7.50
CA GLU A 58 16.08 0.75 8.79
C GLU A 58 15.16 -0.42 9.11
N CYS A 59 14.47 -0.95 8.09
CA CYS A 59 13.36 -1.87 8.33
C CYS A 59 13.60 -3.28 7.83
N ASN A 60 13.08 -4.27 8.55
CA ASN A 60 13.04 -5.64 8.05
C ASN A 60 11.86 -5.79 7.10
N THR A 61 12.07 -5.37 5.85
CA THR A 61 11.02 -5.30 4.84
C THR A 61 10.38 -6.66 4.57
N ARG A 62 11.18 -7.71 4.68
CA ARG A 62 10.69 -9.07 4.48
C ARG A 62 9.68 -9.45 5.57
N ARG A 63 10.05 -9.24 6.82
CA ARG A 63 9.17 -9.56 7.94
C ARG A 63 7.92 -8.67 7.87
N MET A 64 8.08 -7.45 7.40
CA MET A 64 6.93 -6.56 7.22
C MET A 64 5.95 -7.09 6.16
N GLU A 65 6.47 -7.61 5.04
CA GLU A 65 5.60 -8.25 4.05
C GLU A 65 4.90 -9.45 4.67
N GLU A 66 5.67 -10.34 5.29
CA GLU A 66 5.09 -11.50 5.96
C GLU A 66 3.95 -11.11 6.90
N ASP A 67 4.29 -10.44 8.00
CA ASP A 67 3.33 -10.15 9.07
C ASP A 67 2.29 -9.09 8.70
N ASN A 68 2.32 -8.63 7.46
CA ASN A 68 1.36 -7.63 7.01
C ASN A 68 1.45 -6.26 7.70
N VAL A 69 2.64 -5.67 7.71
CA VAL A 69 2.82 -4.29 8.18
C VAL A 69 3.13 -3.23 7.14
N ARG A 70 2.41 -2.12 7.16
CA ARG A 70 2.58 -1.09 6.16
C ARG A 70 3.79 -0.23 6.50
N LEU A 71 4.33 0.41 5.48
CA LEU A 71 5.39 1.39 5.67
C LEU A 71 4.85 2.72 5.21
N ALA A 72 5.04 3.74 6.03
CA ALA A 72 4.66 5.08 5.64
C ALA A 72 5.78 6.05 5.93
N ARG A 73 6.09 6.91 4.97
CA ARG A 73 7.08 7.96 5.15
C ARG A 73 6.36 9.28 5.40
N ARG A 74 6.72 9.94 6.49
CA ARG A 74 6.17 11.26 6.81
C ARG A 74 7.03 12.36 6.21
N SER A 75 6.51 13.59 6.19
CA SER A 75 7.21 14.70 5.55
C SER A 75 8.18 15.43 6.49
N SER A 76 8.18 15.03 7.76
CA SER A 76 9.13 15.60 8.71
C SER A 76 10.33 14.68 8.86
N GLY A 77 11.44 15.21 9.39
CA GLY A 77 12.62 14.43 9.67
C GLY A 77 12.42 13.50 10.86
N GLY A 78 13.51 12.97 11.42
CA GLY A 78 13.45 12.12 12.59
C GLY A 78 13.54 10.63 12.26
N GLY A 79 13.42 9.79 13.28
CA GLY A 79 13.51 8.35 13.11
C GLY A 79 12.19 7.60 13.03
N ALA A 80 12.23 6.28 13.22
CA ALA A 80 11.05 5.44 12.98
C ALA A 80 10.23 5.11 14.24
N VAL A 81 8.91 5.07 14.05
CA VAL A 81 7.96 4.73 15.11
C VAL A 81 7.06 3.59 14.64
N PHE A 82 6.58 2.75 15.57
CA PHE A 82 5.60 1.73 15.21
C PHE A 82 4.21 2.06 15.77
N HIS A 83 3.19 1.85 14.95
CA HIS A 83 1.80 2.12 15.33
C HIS A 83 0.97 0.86 15.14
N ASP A 84 0.12 0.57 16.14
CA ASP A 84 -0.95 -0.40 15.95
C ASP A 84 -2.26 0.23 16.40
N LEU A 85 -3.35 -0.54 16.38
CA LEU A 85 -4.65 -0.01 16.76
C LEU A 85 -4.71 0.39 18.23
N GLY A 86 -3.73 -0.05 19.01
CA GLY A 86 -3.64 0.33 20.41
C GLY A 86 -3.08 1.72 20.62
N ASN A 87 -2.70 2.37 19.52
CA ASN A 87 -2.29 3.78 19.55
C ASN A 87 -3.43 4.69 19.14
N THR A 88 -3.67 5.77 19.88
CA THR A 88 -4.61 6.80 19.47
C THR A 88 -3.84 8.09 19.17
N CYS A 89 -3.93 8.58 17.93
CA CYS A 89 -3.14 9.72 17.48
C CYS A 89 -3.97 10.99 17.42
N PHE A 90 -3.30 12.12 17.59
CA PHE A 90 -3.96 13.42 17.52
C PHE A 90 -3.06 14.41 16.78
N THR A 91 -3.67 15.45 16.24
CA THR A 91 -2.94 16.58 15.71
C THR A 91 -3.73 17.86 15.96
N PHE A 92 -3.06 18.87 16.50
CA PHE A 92 -3.69 20.17 16.68
C PHE A 92 -3.00 21.15 15.74
N MET A 93 -3.78 22.05 15.13
CA MET A 93 -3.22 23.11 14.30
C MET A 93 -3.94 24.43 14.61
N ALA A 94 -3.17 25.51 14.77
CA ALA A 94 -3.74 26.83 14.99
C ALA A 94 -2.86 27.91 14.40
N GLY A 95 -3.47 28.93 13.81
CA GLY A 95 -2.72 30.02 13.23
C GLY A 95 -2.02 30.82 14.31
N LYS A 96 -0.92 31.47 13.96
CA LYS A 96 -0.22 32.34 14.91
C LYS A 96 -0.78 33.75 14.80
N PRO A 97 -0.37 34.68 15.66
CA PRO A 97 0.63 34.49 16.73
C PRO A 97 -0.02 33.95 17.99
N GLU A 98 -1.32 33.66 17.92
CA GLU A 98 -2.06 33.23 19.10
C GLU A 98 -1.79 31.78 19.52
N TYR A 99 -1.19 30.99 18.64
CA TYR A 99 -0.94 29.59 18.97
C TYR A 99 0.42 29.38 19.62
N ASP A 100 0.47 28.44 20.56
CA ASP A 100 1.71 27.94 21.10
C ASP A 100 1.50 26.51 21.56
N LYS A 101 2.60 25.79 21.76
CA LYS A 101 2.53 24.36 22.03
C LYS A 101 1.94 24.04 23.40
N THR A 102 1.87 25.04 24.29
CA THR A 102 1.30 24.81 25.61
C THR A 102 -0.20 24.56 25.56
N ILE A 103 -0.88 25.19 24.61
CA ILE A 103 -2.33 25.04 24.46
C ILE A 103 -2.78 23.61 24.15
N SER A 104 -2.21 23.01 23.11
CA SER A 104 -2.55 21.64 22.80
C SER A 104 -2.18 20.72 23.96
N THR A 105 -1.00 20.93 24.53
CA THR A 105 -0.55 20.11 25.65
C THR A 105 -1.56 20.16 26.80
N SER A 106 -2.10 21.34 27.08
CA SER A 106 -2.98 21.51 28.23
C SER A 106 -4.29 20.78 27.97
N ILE A 107 -4.70 20.79 26.71
CA ILE A 107 -5.93 20.11 26.31
C ILE A 107 -5.84 18.60 26.51
N VAL A 108 -4.74 17.98 26.09
CA VAL A 108 -4.58 16.55 26.26
C VAL A 108 -4.48 16.24 27.75
N LEU A 109 -3.73 17.07 28.46
CA LEU A 109 -3.60 16.91 29.91
C LEU A 109 -4.98 16.92 30.56
N ASN A 110 -5.78 17.93 30.19
CA ASN A 110 -7.16 18.03 30.65
C ASN A 110 -7.93 16.72 30.44
N ALA A 111 -7.90 16.22 29.20
CA ALA A 111 -8.64 15.00 28.87
C ALA A 111 -8.16 13.79 29.67
N LEU A 112 -6.83 13.66 29.79
CA LEU A 112 -6.28 12.54 30.56
C LEU A 112 -6.75 12.59 32.02
N ASN A 113 -6.55 13.73 32.69
CA ASN A 113 -7.09 13.88 34.06
C ASN A 113 -8.59 13.60 34.13
N ALA A 114 -9.36 14.18 33.20
CA ALA A 114 -10.79 13.90 33.15
C ALA A 114 -11.08 12.41 33.04
N LEU A 115 -10.18 11.68 32.38
CA LEU A 115 -10.37 10.25 32.17
C LEU A 115 -10.05 9.46 33.44
N GLY A 116 -9.31 10.07 34.35
CA GLY A 116 -9.07 9.44 35.64
C GLY A 116 -7.60 9.19 35.92
N VAL A 117 -6.74 9.87 35.17
CA VAL A 117 -5.31 9.67 35.28
C VAL A 117 -4.59 10.98 35.63
N SER A 118 -3.70 10.91 36.61
CA SER A 118 -2.97 12.08 37.10
C SER A 118 -1.79 12.43 36.20
N ALA A 119 -2.05 13.21 35.15
CA ALA A 119 -1.06 13.43 34.10
C ALA A 119 -0.45 14.83 34.11
N GLU A 120 0.82 14.91 33.74
CA GLU A 120 1.53 16.19 33.65
C GLU A 120 2.58 16.14 32.54
N ALA A 121 3.11 17.30 32.16
CA ALA A 121 4.09 17.38 31.09
C ALA A 121 5.49 17.04 31.58
N SER A 122 6.18 16.19 30.82
CA SER A 122 7.57 15.86 31.11
C SER A 122 8.45 16.36 29.96
N GLY A 123 9.21 17.42 30.20
CA GLY A 123 9.97 18.03 29.14
C GLY A 123 9.01 18.51 28.06
N ARG A 124 9.53 18.73 26.85
CA ARG A 124 8.74 19.29 25.77
C ARG A 124 7.70 18.34 25.16
N ASN A 125 8.14 17.19 24.67
CA ASN A 125 7.29 16.33 23.86
C ASN A 125 6.62 15.15 24.57
N ASP A 126 6.91 14.98 25.85
CA ASP A 126 6.35 13.84 26.58
C ASP A 126 5.28 14.21 27.59
N LEU A 127 4.29 13.34 27.71
CA LEU A 127 3.31 13.44 28.79
C LEU A 127 3.51 12.22 29.67
N VAL A 128 3.51 12.44 30.98
CA VAL A 128 3.68 11.36 31.94
C VAL A 128 2.53 11.31 32.94
N VAL A 129 2.22 10.10 33.41
CA VAL A 129 1.24 9.95 34.47
C VAL A 129 1.97 9.66 35.77
N LYS A 130 1.55 10.36 36.82
CA LYS A 130 2.14 10.20 38.15
C LYS A 130 1.57 8.94 38.81
N THR A 131 2.48 8.08 39.26
CA THR A 131 2.13 6.76 39.77
C THR A 131 2.93 6.46 41.04
N VAL A 132 2.43 5.58 41.90
CA VAL A 132 3.19 5.21 43.09
C VAL A 132 4.46 4.46 42.71
N GLU A 133 4.43 3.78 41.56
CA GLU A 133 5.60 3.10 41.05
C GLU A 133 6.47 3.99 40.17
N GLY A 134 6.11 5.28 40.08
CA GLY A 134 6.92 6.21 39.33
C GLY A 134 6.31 6.72 38.04
N ASP A 135 6.98 7.69 37.42
CA ASP A 135 6.51 8.31 36.20
C ASP A 135 6.39 7.31 35.05
N ARG A 136 5.23 7.29 34.42
CA ARG A 136 4.97 6.41 33.28
C ARG A 136 4.74 7.27 32.05
N LYS A 137 5.53 7.05 31.01
CA LYS A 137 5.34 7.76 29.75
C LYS A 137 4.21 7.10 28.96
N VAL A 138 3.14 7.85 28.71
CA VAL A 138 2.00 7.31 27.98
C VAL A 138 1.81 7.95 26.60
N SER A 139 2.71 8.84 26.21
CA SER A 139 2.49 9.65 25.03
C SER A 139 3.75 10.32 24.47
N GLY A 140 4.00 10.14 23.17
CA GLY A 140 5.05 10.87 22.50
C GLY A 140 4.44 11.87 21.52
N SER A 141 5.16 12.93 21.21
CA SER A 141 4.62 13.96 20.33
C SER A 141 5.72 14.74 19.64
N ALA A 142 5.34 15.54 18.66
CA ALA A 142 6.28 16.36 17.91
C ALA A 142 5.62 17.66 17.50
N TYR A 143 6.40 18.72 17.39
CA TYR A 143 5.87 20.03 17.04
C TYR A 143 6.42 20.52 15.70
N ARG A 144 5.55 21.04 14.85
CA ARG A 144 5.98 21.63 13.58
C ARG A 144 5.42 23.04 13.46
N GLU A 145 6.24 23.95 12.96
CA GLU A 145 5.92 25.37 13.05
C GLU A 145 6.23 26.10 11.74
N THR A 146 5.43 27.13 11.46
CA THR A 146 5.56 27.93 10.24
C THR A 146 5.47 29.42 10.53
N LYS A 147 5.66 30.24 9.51
CA LYS A 147 5.47 31.69 9.61
C LYS A 147 4.04 32.00 10.00
N ASP A 148 3.10 31.19 9.51
CA ASP A 148 1.69 31.47 9.72
C ASP A 148 0.98 30.53 10.72
N ARG A 149 1.67 29.49 11.19
CA ARG A 149 1.00 28.49 12.02
C ARG A 149 1.93 27.61 12.87
N GLY A 150 1.31 26.82 13.75
CA GLY A 150 2.00 25.80 14.51
C GLY A 150 1.12 24.56 14.57
N ALA A 151 1.75 23.38 14.53
CA ALA A 151 1.01 22.11 14.61
C ALA A 151 1.61 21.17 15.65
N HIS A 152 0.75 20.53 16.44
CA HIS A 152 1.23 19.59 17.46
C HIS A 152 0.59 18.21 17.24
N GLY A 153 1.41 17.25 16.84
CA GLY A 153 0.93 15.89 16.60
C GLY A 153 1.50 14.93 17.63
N GLY A 154 0.80 13.85 17.90
CA GLY A 154 1.27 12.90 18.89
C GLY A 154 0.43 11.66 19.01
N THR A 155 0.92 10.69 19.78
CA THR A 155 0.18 9.45 20.00
C THR A 155 0.07 9.13 21.48
N LEU A 156 -1.07 8.56 21.87
CA LEU A 156 -1.29 8.06 23.21
C LEU A 156 -1.29 6.54 23.16
N LEU A 157 -0.67 5.91 24.16
CA LEU A 157 -0.62 4.45 24.22
C LEU A 157 -1.80 3.93 25.07
N LEU A 158 -2.78 3.31 24.42
CA LEU A 158 -3.93 2.73 25.13
C LEU A 158 -3.67 1.25 25.41
N ASN A 159 -3.44 0.49 24.34
CA ASN A 159 -3.17 -0.93 24.46
C ASN A 159 -2.30 -1.31 23.28
N ALA A 160 -1.18 -0.61 23.12
CA ALA A 160 -0.25 -0.90 22.02
C ALA A 160 0.60 -2.09 22.42
N ASP A 161 0.95 -2.93 21.44
CA ASP A 161 1.86 -4.04 21.68
C ASP A 161 3.31 -3.54 21.59
N LEU A 162 3.94 -3.38 22.76
CA LEU A 162 5.22 -2.71 22.87
C LEU A 162 6.43 -3.53 22.42
N SER A 163 6.20 -4.80 22.08
CA SER A 163 7.31 -5.69 21.68
C SER A 163 7.43 -5.79 20.17
N ARG A 164 6.67 -4.97 19.45
CA ARG A 164 6.57 -5.13 18.00
C ARG A 164 7.60 -4.34 17.20
N LEU A 165 7.95 -3.13 17.67
CA LEU A 165 8.89 -2.31 16.92
C LEU A 165 10.20 -3.05 16.65
N ALA A 166 10.65 -3.82 17.65
CA ALA A 166 11.87 -4.61 17.49
C ALA A 166 11.80 -5.58 16.30
N ASN A 167 10.67 -6.25 16.12
CA ASN A 167 10.53 -7.23 15.04
C ASN A 167 10.73 -6.65 13.65
N TYR A 168 10.46 -5.36 13.49
CA TYR A 168 10.40 -4.75 12.16
C TYR A 168 11.54 -3.77 11.87
N LEU A 169 12.56 -3.80 12.70
CA LEU A 169 13.73 -2.93 12.50
C LEU A 169 15.04 -3.73 12.46
N ASN A 170 15.95 -3.31 11.59
CA ASN A 170 17.27 -3.91 11.53
C ASN A 170 18.19 -3.26 12.55
N PRO A 171 19.10 -4.06 13.13
CA PRO A 171 20.14 -3.60 14.06
C PRO A 171 21.03 -2.50 13.45
N ASP A 172 21.20 -1.39 14.15
CA ASP A 172 22.09 -0.31 13.70
C ASP A 172 23.35 -0.32 14.55
N LYS A 173 24.39 -1.01 14.07
CA LYS A 173 25.66 -1.14 14.78
C LYS A 173 26.08 0.15 15.49
N LYS A 174 26.25 1.20 14.70
CA LYS A 174 26.84 2.45 15.18
C LYS A 174 25.91 3.27 16.06
N LYS A 175 24.63 2.95 16.06
CA LYS A 175 23.68 3.70 16.89
C LYS A 175 23.70 3.18 18.32
N LEU A 176 23.70 1.86 18.47
CA LEU A 176 23.72 1.23 19.78
C LEU A 176 24.93 1.64 20.61
N ALA A 177 26.10 1.64 19.98
CA ALA A 177 27.35 1.99 20.67
C ALA A 177 27.66 3.48 20.58
N ALA A 178 26.64 4.30 20.39
CA ALA A 178 26.82 5.74 20.26
C ALA A 178 26.65 6.47 21.61
N ARG A 187 8.75 2.86 32.75
CA ARG A 187 8.77 4.01 31.86
C ARG A 187 7.56 3.97 30.93
N VAL A 188 7.75 3.48 29.71
CA VAL A 188 6.67 3.44 28.71
C VAL A 188 5.54 2.53 29.17
N THR A 189 4.33 3.11 29.22
CA THR A 189 3.18 2.42 29.80
C THR A 189 1.93 2.57 28.94
N ASN A 190 1.10 1.53 28.92
CA ASN A 190 -0.22 1.60 28.28
C ASN A 190 -1.28 2.12 29.26
N LEU A 191 -2.18 2.96 28.76
CA LEU A 191 -3.25 3.50 29.60
C LEU A 191 -4.20 2.42 30.10
N THR A 192 -4.31 1.32 29.37
CA THR A 192 -5.20 0.25 29.80
C THR A 192 -4.68 -0.42 31.07
N GLU A 193 -3.42 -0.16 31.39
CA GLU A 193 -2.83 -0.62 32.64
C GLU A 193 -3.40 0.16 33.81
N LEU A 194 -3.61 1.45 33.61
CA LEU A 194 -4.10 2.34 34.65
C LEU A 194 -5.63 2.47 34.61
N LEU A 195 -6.19 2.39 33.41
CA LEU A 195 -7.63 2.47 33.23
C LEU A 195 -8.15 1.25 32.48
N PRO A 196 -8.29 0.09 33.24
CA PRO A 196 -8.76 -1.07 32.47
C PRO A 196 -10.11 -0.81 31.83
N GLY A 197 -10.16 -0.84 30.50
CA GLY A 197 -11.39 -0.61 29.78
C GLY A 197 -11.30 0.57 28.83
N ILE A 198 -10.30 1.42 29.03
CA ILE A 198 -10.12 2.59 28.16
C ILE A 198 -10.19 2.21 26.68
N THR A 199 -10.81 3.08 25.87
CA THR A 199 -10.95 2.84 24.44
C THR A 199 -10.63 4.08 23.60
N HIS A 200 -10.36 3.87 22.32
CA HIS A 200 -10.13 4.94 21.37
C HIS A 200 -11.28 5.95 21.42
N GLU A 201 -12.51 5.45 21.41
CA GLU A 201 -13.68 6.32 21.37
C GLU A 201 -13.73 7.25 22.59
N GLN A 202 -13.41 6.70 23.77
CA GLN A 202 -13.46 7.47 25.01
C GLN A 202 -12.39 8.56 25.07
N VAL A 203 -11.18 8.21 24.66
CA VAL A 203 -10.10 9.19 24.57
C VAL A 203 -10.47 10.30 23.58
N CYS A 204 -10.94 9.93 22.40
CA CYS A 204 -11.32 10.93 21.41
C CYS A 204 -12.36 11.91 21.95
N GLU A 205 -13.38 11.39 22.63
CA GLU A 205 -14.42 12.23 23.23
C GLU A 205 -13.83 13.16 24.27
N ALA A 206 -12.98 12.62 25.13
CA ALA A 206 -12.38 13.43 26.21
C ALA A 206 -11.47 14.53 25.67
N ILE A 207 -10.70 14.24 24.63
CA ILE A 207 -9.85 15.27 24.06
C ILE A 207 -10.73 16.29 23.35
N THR A 208 -11.78 15.81 22.69
CA THR A 208 -12.70 16.67 21.96
C THR A 208 -13.35 17.68 22.92
N GLU A 209 -13.88 17.19 24.03
CA GLU A 209 -14.49 18.05 25.05
C GLU A 209 -13.49 19.05 25.61
N ALA A 210 -12.28 18.58 25.91
CA ALA A 210 -11.25 19.48 26.42
C ALA A 210 -10.91 20.56 25.38
N PHE A 211 -10.98 20.15 24.12
CA PHE A 211 -10.75 21.04 22.98
C PHE A 211 -11.82 22.13 22.96
N PHE A 212 -13.08 21.69 23.04
CA PHE A 212 -14.22 22.62 23.04
C PHE A 212 -14.20 23.53 24.26
N ALA A 213 -13.87 22.96 25.41
CA ALA A 213 -13.85 23.73 26.66
C ALA A 213 -12.85 24.87 26.58
N HIS A 214 -11.65 24.56 26.09
CA HIS A 214 -10.60 25.57 26.03
C HIS A 214 -11.00 26.74 25.13
N TYR A 215 -11.61 26.42 24.00
CA TYR A 215 -11.94 27.44 23.02
C TYR A 215 -13.27 28.11 23.30
N GLY A 216 -14.09 27.48 24.14
CA GLY A 216 -15.40 28.02 24.46
C GLY A 216 -16.28 28.02 23.23
N GLU A 217 -16.33 26.87 22.56
CA GLU A 217 -17.01 26.77 21.28
C GLU A 217 -17.21 25.30 20.91
N ARG A 218 -18.20 25.04 20.06
CA ARG A 218 -18.58 23.67 19.72
C ARG A 218 -18.92 23.55 18.25
N VAL A 219 -18.27 22.61 17.56
CA VAL A 219 -18.59 22.29 16.17
C VAL A 219 -18.98 20.83 16.07
N GLU A 220 -19.59 20.44 14.96
CA GLU A 220 -19.92 19.03 14.73
C GLU A 220 -18.72 18.28 14.17
N ALA A 221 -18.68 16.97 14.39
CA ALA A 221 -17.56 16.16 13.94
C ALA A 221 -17.65 15.85 12.44
N GLU A 222 -16.61 16.20 11.69
CA GLU A 222 -16.52 15.82 10.28
C GLU A 222 -15.86 14.44 10.14
N ILE A 223 -16.67 13.40 10.10
CA ILE A 223 -16.18 12.03 10.01
C ILE A 223 -15.66 11.80 8.59
N ILE A 224 -14.42 11.33 8.46
CA ILE A 224 -13.78 11.22 7.15
C ILE A 224 -13.11 9.88 6.92
N SER A 225 -12.99 9.52 5.64
CA SER A 225 -12.40 8.25 5.25
C SER A 225 -12.07 8.28 3.75
N PRO A 226 -11.38 7.26 3.26
CA PRO A 226 -11.06 7.31 1.82
C PRO A 226 -12.34 7.08 1.01
N ASN A 227 -13.21 6.19 1.47
CA ASN A 227 -14.48 5.94 0.81
C ASN A 227 -15.18 7.28 0.62
N LYS A 228 -14.94 8.19 1.55
CA LYS A 228 -15.51 9.54 1.50
C LYS A 228 -14.59 10.70 1.82
N THR A 229 -13.84 11.15 0.82
CA THR A 229 -12.79 12.14 0.98
C THR A 229 -13.22 13.41 1.71
N PRO A 230 -12.29 13.99 2.47
CA PRO A 230 -12.60 15.11 3.36
C PRO A 230 -12.60 16.48 2.67
N ASP A 231 -13.15 17.47 3.37
CA ASP A 231 -13.28 18.84 2.87
C ASP A 231 -11.93 19.57 2.92
N LEU A 232 -10.93 19.02 2.24
CA LEU A 232 -9.59 19.62 2.28
C LEU A 232 -8.98 19.82 0.89
N PRO A 233 -8.30 20.95 0.71
CA PRO A 233 -7.70 21.40 -0.56
C PRO A 233 -6.57 20.48 -1.01
N ASN A 234 -6.61 20.05 -2.26
CA ASN A 234 -5.54 19.23 -2.81
C ASN A 234 -5.38 17.92 -2.05
N PHE A 235 -6.43 17.46 -1.39
CA PHE A 235 -6.31 16.22 -0.65
C PHE A 235 -6.11 15.03 -1.57
N ALA A 236 -6.95 14.92 -2.61
CA ALA A 236 -6.87 13.82 -3.55
C ALA A 236 -5.43 13.58 -4.00
N GLU A 237 -4.77 14.67 -4.40
CA GLU A 237 -3.37 14.61 -4.82
C GLU A 237 -2.44 14.22 -3.66
N THR A 238 -2.62 14.85 -2.50
CA THR A 238 -1.79 14.55 -1.35
C THR A 238 -1.92 13.09 -0.94
N PHE A 239 -3.16 12.58 -0.95
CA PHE A 239 -3.42 11.19 -0.62
C PHE A 239 -2.76 10.26 -1.65
N ALA A 240 -2.83 10.62 -2.93
CA ALA A 240 -2.26 9.76 -3.96
C ALA A 240 -0.75 9.61 -3.77
N ARG A 241 -0.10 10.72 -3.44
CA ARG A 241 1.34 10.72 -3.17
C ARG A 241 1.73 9.99 -1.90
N GLN A 242 0.97 10.20 -0.83
CA GLN A 242 1.29 9.61 0.46
C GLN A 242 1.23 8.08 0.39
N SER A 243 0.27 7.57 -0.36
CA SER A 243 0.07 6.13 -0.43
C SER A 243 0.90 5.47 -1.52
N SER A 244 1.73 6.26 -2.21
CA SER A 244 2.50 5.72 -3.33
C SER A 244 3.77 5.01 -2.85
N TRP A 245 4.08 3.87 -3.47
CA TRP A 245 5.27 3.10 -3.14
C TRP A 245 6.53 3.93 -3.42
N GLU A 246 6.51 4.70 -4.50
CA GLU A 246 7.63 5.58 -4.82
C GLU A 246 7.97 6.57 -3.70
N TRP A 247 6.97 7.01 -2.95
CA TRP A 247 7.19 7.94 -1.85
C TRP A 247 7.63 7.24 -0.57
N ASN A 248 6.86 6.23 -0.17
CA ASN A 248 7.12 5.55 1.09
C ASN A 248 8.42 4.76 1.03
N PHE A 249 8.59 3.92 0.03
CA PHE A 249 9.81 3.14 -0.09
C PHE A 249 10.89 3.74 -1.00
N GLY A 250 10.54 3.94 -2.24
CA GLY A 250 11.47 4.40 -3.24
C GLY A 250 12.45 3.32 -3.55
N GLN A 251 13.15 3.44 -4.64
CA GLN A 251 14.12 2.45 -5.02
C GLN A 251 15.29 2.39 -4.05
N ALA A 252 15.76 1.19 -3.78
CA ALA A 252 16.89 1.03 -2.86
C ALA A 252 18.15 1.65 -3.46
N PRO A 253 19.00 2.21 -2.60
CA PRO A 253 20.22 2.84 -3.11
C PRO A 253 21.21 1.77 -3.56
N ALA A 254 21.71 1.91 -4.78
CA ALA A 254 22.71 1.00 -5.30
C ALA A 254 23.96 1.77 -5.69
N PHE A 255 24.87 1.96 -4.73
CA PHE A 255 26.10 2.71 -4.96
C PHE A 255 27.34 1.88 -4.58
N SER A 256 28.51 2.32 -5.05
CA SER A 256 29.75 1.59 -4.82
C SER A 256 30.41 1.97 -3.50
N HIS A 257 30.22 3.22 -3.06
CA HIS A 257 30.85 3.72 -1.84
C HIS A 257 29.81 4.09 -0.80
N LEU A 258 30.18 4.03 0.47
CA LEU A 258 29.28 4.43 1.54
C LEU A 258 30.04 4.99 2.73
N LEU A 259 29.77 6.26 3.06
CA LEU A 259 30.28 6.84 4.29
C LEU A 259 29.12 6.99 5.27
N ASP A 260 29.29 6.43 6.47
CA ASP A 260 28.23 6.49 7.47
C ASP A 260 28.80 6.84 8.85
N GLU A 261 27.98 7.49 9.66
CA GLU A 261 28.36 7.81 11.02
C GLU A 261 27.11 8.06 11.85
N ARG A 262 27.26 7.97 13.17
CA ARG A 262 26.17 8.28 14.09
C ARG A 262 26.56 9.46 14.95
N PHE A 263 25.94 10.61 14.72
CA PHE A 263 26.16 11.77 15.56
C PHE A 263 25.06 11.90 16.60
N THR A 264 25.22 12.83 17.54
CA THR A 264 24.23 13.04 18.58
C THR A 264 22.92 13.57 18.01
N TRP A 265 23.02 14.28 16.89
CA TRP A 265 21.86 14.85 16.23
C TRP A 265 21.31 13.99 15.07
N GLY A 266 21.79 12.76 14.95
CA GLY A 266 21.30 11.86 13.93
C GLY A 266 22.35 11.04 13.20
N GLY A 267 21.92 9.87 12.73
CA GLY A 267 22.76 9.07 11.85
C GLY A 267 22.73 9.61 10.42
N VAL A 268 23.83 9.44 9.73
CA VAL A 268 23.97 9.86 8.34
C VAL A 268 24.54 8.71 7.52
N GLU A 269 23.96 8.45 6.37
CA GLU A 269 24.55 7.52 5.42
C GLU A 269 24.73 8.22 4.09
N LEU A 270 25.98 8.36 3.67
CA LEU A 270 26.30 9.00 2.40
C LEU A 270 26.72 7.95 1.36
N HIS A 271 25.82 7.66 0.43
CA HIS A 271 26.10 6.69 -0.64
C HIS A 271 26.56 7.45 -1.88
N PHE A 272 27.56 6.91 -2.59
CA PHE A 272 27.99 7.55 -3.82
C PHE A 272 28.83 6.68 -4.74
N ASP A 273 28.88 7.05 -6.01
CA ASP A 273 29.79 6.42 -6.96
C ASP A 273 30.97 7.35 -7.20
N VAL A 274 32.11 6.76 -7.56
CA VAL A 274 33.30 7.52 -7.90
C VAL A 274 33.85 7.02 -9.24
N GLU A 275 33.98 7.92 -10.20
CA GLU A 275 34.54 7.52 -11.49
C GLU A 275 35.48 8.61 -11.96
N LYS A 276 36.69 8.20 -12.35
CA LYS A 276 37.71 9.14 -12.79
C LYS A 276 38.03 10.14 -11.69
N GLY A 277 38.04 9.66 -10.45
CA GLY A 277 38.38 10.48 -9.31
C GLY A 277 37.29 11.45 -8.86
N HIS A 278 36.13 11.42 -9.50
CA HIS A 278 35.04 12.33 -9.12
C HIS A 278 33.76 11.59 -8.75
N ILE A 279 32.98 12.16 -7.85
CA ILE A 279 31.65 11.64 -7.51
C ILE A 279 30.67 11.84 -8.68
N THR A 280 30.07 10.76 -9.15
CA THR A 280 29.20 10.78 -10.32
C THR A 280 27.71 10.70 -9.99
N ARG A 281 27.43 10.41 -8.73
CA ARG A 281 26.07 10.36 -8.20
C ARG A 281 26.29 10.19 -6.70
N ALA A 282 25.37 10.75 -5.91
CA ALA A 282 25.38 10.57 -4.46
C ALA A 282 23.97 10.57 -3.90
N GLN A 283 23.80 10.06 -2.69
CA GLN A 283 22.51 10.09 -2.02
C GLN A 283 22.73 10.01 -0.52
N VAL A 284 22.11 10.92 0.23
CA VAL A 284 22.27 10.93 1.68
C VAL A 284 20.98 10.48 2.36
N PHE A 285 21.15 9.71 3.44
CA PHE A 285 20.02 9.39 4.30
C PHE A 285 20.34 9.79 5.72
N THR A 286 19.32 10.19 6.48
CA THR A 286 19.52 10.57 7.88
C THR A 286 18.21 10.50 8.66
N ASP A 287 18.31 10.34 9.98
CA ASP A 287 17.13 10.45 10.83
C ASP A 287 17.17 11.76 11.62
N SER A 288 17.97 12.69 11.13
CA SER A 288 18.04 14.03 11.70
C SER A 288 16.72 14.75 11.55
N LEU A 289 16.44 15.68 12.46
CA LEU A 289 15.20 16.45 12.42
C LEU A 289 15.28 17.54 11.38
N ASN A 290 16.49 17.80 10.88
CA ASN A 290 16.68 18.79 9.82
C ASN A 290 17.58 18.27 8.71
N PRO A 291 17.01 17.47 7.80
CA PRO A 291 17.77 16.86 6.71
C PRO A 291 18.12 17.84 5.60
N ALA A 292 17.42 18.97 5.52
CA ALA A 292 17.55 19.87 4.38
C ALA A 292 19.00 20.17 3.96
N PRO A 293 19.87 20.46 4.94
CA PRO A 293 21.28 20.75 4.64
C PRO A 293 22.04 19.51 4.16
N LEU A 294 21.64 18.33 4.62
CA LEU A 294 22.20 17.08 4.11
C LEU A 294 21.79 16.87 2.64
N GLU A 295 20.52 17.16 2.34
CA GLU A 295 20.02 17.11 0.97
C GLU A 295 20.82 18.05 0.08
N ALA A 296 20.97 19.30 0.53
CA ALA A 296 21.75 20.28 -0.21
C ALA A 296 23.18 19.82 -0.41
N LEU A 297 23.78 19.26 0.65
CA LEU A 297 25.13 18.70 0.53
C LEU A 297 25.17 17.65 -0.58
N ALA A 298 24.22 16.71 -0.58
CA ALA A 298 24.24 15.69 -1.62
C ALA A 298 24.20 16.33 -3.00
N GLY A 299 23.39 17.37 -3.14
CA GLY A 299 23.31 18.10 -4.40
C GLY A 299 24.65 18.67 -4.80
N ARG A 300 25.42 19.16 -3.83
CA ARG A 300 26.69 19.80 -4.13
C ARG A 300 27.85 18.83 -4.35
N LEU A 301 27.67 17.58 -3.94
CA LEU A 301 28.74 16.57 -4.08
C LEU A 301 28.82 16.05 -5.50
N GLN A 302 27.77 16.23 -6.28
N GLN A 302 27.77 16.26 -6.28
CA GLN A 302 27.75 15.77 -7.65
CA GLN A 302 27.76 15.83 -7.67
C GLN A 302 28.92 16.41 -8.41
C GLN A 302 28.96 16.43 -8.40
N GLY A 303 29.82 15.56 -8.92
CA GLY A 303 30.96 16.01 -9.71
C GLY A 303 32.14 16.42 -8.87
N CYS A 304 32.00 16.38 -7.56
CA CYS A 304 33.07 16.79 -6.65
C CYS A 304 34.28 15.89 -6.82
N LEU A 305 35.48 16.47 -6.69
CA LEU A 305 36.70 15.66 -6.67
C LEU A 305 36.65 14.78 -5.43
N TYR A 306 36.86 13.47 -5.58
CA TYR A 306 36.80 12.61 -4.39
C TYR A 306 38.03 12.78 -3.49
N ARG A 307 38.06 13.87 -2.73
CA ARG A 307 39.19 14.16 -1.85
C ARG A 307 38.76 14.96 -0.61
N ALA A 308 39.30 14.60 0.56
CA ALA A 308 38.87 15.19 1.83
C ALA A 308 38.72 16.71 1.78
N ASP A 309 39.79 17.41 1.42
CA ASP A 309 39.75 18.86 1.37
C ASP A 309 38.58 19.37 0.52
N MET A 310 38.28 18.65 -0.56
CA MET A 310 37.21 19.06 -1.46
C MET A 310 35.81 18.83 -0.86
N LEU A 311 35.65 17.71 -0.16
CA LEU A 311 34.37 17.40 0.47
C LEU A 311 34.00 18.47 1.49
N GLN A 312 35.04 19.07 2.09
CA GLN A 312 34.85 20.13 3.07
C GLN A 312 34.41 21.43 2.39
N GLN A 313 35.09 21.78 1.30
CA GLN A 313 34.78 22.98 0.52
C GLN A 313 33.28 23.11 0.20
N GLU A 314 32.68 22.02 -0.27
CA GLU A 314 31.25 22.01 -0.59
C GLU A 314 30.39 22.05 0.68
N CYS A 315 30.92 21.48 1.75
CA CYS A 315 30.16 21.34 2.99
C CYS A 315 30.17 22.61 3.84
N GLU A 316 30.99 23.57 3.44
CA GLU A 316 31.08 24.82 4.18
C GLU A 316 30.63 26.00 3.32
N ALA A 317 30.33 25.69 2.05
CA ALA A 317 29.71 26.67 1.16
C ALA A 317 28.21 26.79 1.47
N LEU A 318 27.77 26.05 2.49
CA LEU A 318 26.36 26.01 2.87
C LEU A 318 26.13 26.63 4.26
N LEU A 319 27.14 26.53 5.12
CA LEU A 319 27.04 27.05 6.48
C LEU A 319 26.33 28.40 6.50
N VAL A 320 26.54 29.21 5.46
CA VAL A 320 25.90 30.51 5.39
C VAL A 320 24.41 30.38 5.10
N ASP A 321 24.04 29.32 4.39
CA ASP A 321 22.64 29.09 4.01
C ASP A 321 21.90 28.30 5.10
N PHE A 322 22.64 27.73 6.04
CA PHE A 322 22.04 26.93 7.11
C PHE A 322 22.64 27.28 8.48
N PRO A 323 22.44 28.53 8.89
CA PRO A 323 22.97 29.11 10.14
C PRO A 323 22.52 28.33 11.37
N GLU A 324 21.28 27.86 11.37
CA GLU A 324 20.73 27.16 12.53
C GLU A 324 21.31 25.77 12.73
N GLN A 325 21.98 25.25 11.70
CA GLN A 325 22.60 23.94 11.76
C GLN A 325 24.11 24.06 11.60
N GLU A 326 24.70 25.07 12.26
CA GLU A 326 26.13 25.32 12.17
C GLU A 326 26.92 24.20 12.84
N LYS A 327 26.67 24.00 14.14
CA LYS A 327 27.35 22.95 14.89
C LYS A 327 27.39 21.64 14.11
N GLU A 328 26.21 21.11 13.83
CA GLU A 328 26.10 19.85 13.08
C GLU A 328 26.97 19.88 11.83
N LEU A 329 26.62 20.73 10.88
CA LEU A 329 27.36 20.83 9.62
C LEU A 329 28.88 20.77 9.75
N ARG A 330 29.40 21.13 10.92
CA ARG A 330 30.85 21.06 11.15
C ARG A 330 31.29 19.80 11.92
N GLU A 331 30.37 19.12 12.58
CA GLU A 331 30.68 17.78 13.03
C GLU A 331 30.79 16.96 11.75
N LEU A 332 30.02 17.37 10.76
CA LEU A 332 30.03 16.79 9.42
C LEU A 332 31.36 16.89 8.68
N SER A 333 31.80 18.13 8.41
CA SER A 333 33.02 18.37 7.65
C SER A 333 34.22 17.74 8.36
N ALA A 334 34.36 18.01 9.66
CA ALA A 334 35.44 17.42 10.44
C ALA A 334 35.41 15.90 10.38
N TRP A 335 34.23 15.35 10.09
CA TRP A 335 34.08 13.90 9.93
C TRP A 335 34.51 13.45 8.54
N MET A 336 34.07 14.19 7.52
CA MET A 336 34.45 13.85 6.14
C MET A 336 35.97 14.01 5.97
N ALA A 337 36.53 14.97 6.72
CA ALA A 337 37.96 15.26 6.64
C ALA A 337 38.82 14.08 7.12
N GLY A 338 38.29 13.30 8.06
CA GLY A 338 39.03 12.16 8.61
C GLY A 338 38.52 10.82 8.11
N ALA A 339 37.38 10.83 7.43
CA ALA A 339 36.74 9.58 7.00
C ALA A 339 37.13 9.15 5.60
N VAL A 340 37.65 10.07 4.79
CA VAL A 340 37.90 9.77 3.38
C VAL A 340 39.27 9.25 2.93
N ARG A 341 40.32 9.97 3.28
CA ARG A 341 41.66 9.75 2.72
C ARG A 341 42.49 9.27 3.92
N SER B 5 18.98 -16.63 -27.25
CA SER B 5 18.32 -17.26 -26.09
C SER B 5 16.80 -17.12 -26.21
N THR B 6 16.08 -18.23 -26.09
CA THR B 6 14.65 -18.26 -26.42
C THR B 6 13.71 -18.31 -25.22
N LEU B 7 14.27 -18.37 -24.02
CA LEU B 7 13.46 -18.44 -22.82
C LEU B 7 13.75 -17.26 -21.87
N ARG B 8 12.80 -16.96 -21.00
CA ARG B 8 13.00 -15.99 -19.93
C ARG B 8 12.42 -16.59 -18.66
N LEU B 9 13.20 -16.55 -17.59
CA LEU B 9 12.75 -17.09 -16.32
C LEU B 9 12.76 -15.99 -15.27
N LEU B 10 11.57 -15.60 -14.82
CA LEU B 10 11.44 -14.54 -13.82
C LEU B 10 10.96 -15.12 -12.49
N ILE B 11 11.74 -14.86 -11.44
CA ILE B 11 11.39 -15.35 -10.11
C ILE B 11 11.23 -14.18 -9.13
N SER B 12 10.01 -13.94 -8.68
CA SER B 12 9.79 -12.89 -7.69
C SER B 12 10.33 -13.30 -6.32
N ASP B 13 11.14 -12.41 -5.74
CA ASP B 13 11.62 -12.59 -4.37
C ASP B 13 10.74 -11.78 -3.40
N SER B 14 9.72 -11.12 -3.95
CA SER B 14 8.84 -10.25 -3.17
C SER B 14 7.46 -10.88 -2.90
N TYR B 15 6.88 -10.56 -1.75
CA TYR B 15 5.52 -11.00 -1.44
C TYR B 15 4.51 -9.91 -1.73
N ASP B 16 5.00 -8.80 -2.27
CA ASP B 16 4.14 -7.66 -2.60
C ASP B 16 3.31 -7.95 -3.85
N PRO B 17 1.98 -8.11 -3.65
CA PRO B 17 1.02 -8.45 -4.72
C PRO B 17 0.96 -7.40 -5.83
N TRP B 18 1.08 -6.12 -5.48
CA TRP B 18 1.07 -5.06 -6.46
C TRP B 18 2.28 -5.16 -7.37
N PHE B 19 3.40 -5.60 -6.81
CA PHE B 19 4.60 -5.85 -7.59
C PHE B 19 4.41 -7.07 -8.50
N ASN B 20 4.06 -8.20 -7.90
CA ASN B 20 3.87 -9.42 -8.68
C ASN B 20 2.88 -9.24 -9.83
N LEU B 21 1.74 -8.59 -9.56
CA LEU B 21 0.77 -8.29 -10.62
C LEU B 21 1.35 -7.39 -11.70
N ALA B 22 2.11 -6.39 -11.29
CA ALA B 22 2.69 -5.46 -12.26
C ALA B 22 3.61 -6.23 -13.19
N VAL B 23 4.35 -7.19 -12.63
CA VAL B 23 5.22 -8.04 -13.44
C VAL B 23 4.36 -8.83 -14.41
N ALA B 24 3.34 -9.50 -13.88
CA ALA B 24 2.48 -10.30 -14.74
C ALA B 24 1.85 -9.44 -15.82
N GLU B 25 1.51 -8.21 -15.48
CA GLU B 25 0.90 -7.29 -16.43
C GLU B 25 1.88 -6.86 -17.53
N CYS B 26 3.11 -6.55 -17.16
CA CYS B 26 4.12 -6.18 -18.16
C CYS B 26 4.45 -7.32 -19.14
N ILE B 27 4.51 -8.54 -18.63
CA ILE B 27 4.77 -9.70 -19.48
C ILE B 27 3.73 -9.80 -20.58
N PHE B 28 2.46 -9.71 -20.20
CA PHE B 28 1.37 -9.79 -21.16
C PHE B 28 1.25 -8.54 -22.04
N ARG B 29 1.50 -7.37 -21.48
CA ARG B 29 1.19 -6.11 -22.17
C ARG B 29 2.35 -5.22 -22.60
N GLN B 30 3.56 -5.47 -22.11
CA GLN B 30 4.67 -4.58 -22.42
C GLN B 30 5.82 -5.26 -23.15
N MET B 31 6.24 -6.42 -22.66
CA MET B 31 7.39 -7.10 -23.22
C MET B 31 7.09 -7.77 -24.56
N PRO B 32 8.07 -7.75 -25.45
CA PRO B 32 7.93 -8.36 -26.78
C PRO B 32 7.58 -9.84 -26.62
N ALA B 33 6.84 -10.39 -27.58
CA ALA B 33 6.46 -11.79 -27.50
C ALA B 33 7.46 -12.79 -28.09
N THR B 34 8.70 -12.33 -28.27
CA THR B 34 9.76 -13.13 -28.89
C THR B 34 10.25 -14.34 -28.11
N GLN B 35 10.43 -14.17 -26.80
CA GLN B 35 10.92 -15.25 -25.95
C GLN B 35 9.77 -15.90 -25.19
N ARG B 36 9.93 -17.18 -24.84
CA ARG B 36 8.91 -17.87 -24.06
C ARG B 36 9.15 -17.61 -22.58
N VAL B 37 8.12 -17.16 -21.88
CA VAL B 37 8.29 -16.68 -20.51
C VAL B 37 7.62 -17.55 -19.44
N LEU B 38 8.34 -17.80 -18.36
CA LEU B 38 7.75 -18.33 -17.13
C LEU B 38 8.05 -17.37 -15.96
N PHE B 39 7.02 -17.00 -15.22
CA PHE B 39 7.16 -16.14 -14.05
C PHE B 39 6.58 -16.90 -12.85
N LEU B 40 7.34 -16.94 -11.77
CA LEU B 40 6.90 -17.65 -10.56
C LEU B 40 6.95 -16.73 -9.35
N TRP B 41 5.90 -16.75 -8.54
CA TRP B 41 5.82 -15.86 -7.39
C TRP B 41 4.78 -16.33 -6.40
N ARG B 42 4.69 -15.62 -5.28
CA ARG B 42 3.66 -15.86 -4.27
C ARG B 42 3.41 -14.58 -3.47
N ASN B 43 2.15 -14.32 -3.14
CA ASN B 43 1.79 -13.09 -2.47
C ASN B 43 1.56 -13.28 -0.98
N ALA B 44 1.74 -12.21 -0.22
CA ALA B 44 1.24 -12.15 1.15
C ALA B 44 -0.28 -12.00 1.03
N ASP B 45 -0.99 -11.91 2.15
CA ASP B 45 -2.44 -11.84 2.15
C ASP B 45 -2.99 -10.78 1.20
N THR B 46 -3.81 -11.21 0.24
CA THR B 46 -4.28 -10.32 -0.81
C THR B 46 -5.60 -10.78 -1.40
N VAL B 47 -6.52 -9.84 -1.54
CA VAL B 47 -7.73 -10.04 -2.34
C VAL B 47 -7.50 -9.46 -3.72
N VAL B 48 -7.59 -10.30 -4.75
CA VAL B 48 -7.49 -9.81 -6.13
C VAL B 48 -8.90 -9.76 -6.74
N ILE B 49 -9.30 -8.59 -7.22
CA ILE B 49 -10.62 -8.44 -7.83
C ILE B 49 -10.54 -8.17 -9.31
N GLY B 50 -11.60 -8.51 -10.04
CA GLY B 50 -11.69 -8.14 -11.45
C GLY B 50 -11.73 -6.63 -11.67
N ARG B 51 -11.34 -6.18 -12.85
CA ARG B 51 -11.18 -4.75 -13.07
C ARG B 51 -12.48 -3.93 -12.95
N ALA B 52 -13.63 -4.60 -13.01
CA ALA B 52 -14.91 -3.88 -12.96
C ALA B 52 -15.71 -4.16 -11.69
N GLN B 53 -15.08 -4.77 -10.69
CA GLN B 53 -15.78 -5.04 -9.44
C GLN B 53 -15.80 -3.81 -8.51
N ASN B 54 -16.79 -3.78 -7.61
CA ASN B 54 -16.87 -2.77 -6.58
C ASN B 54 -16.39 -3.34 -5.26
N PRO B 55 -15.13 -3.03 -4.88
CA PRO B 55 -14.51 -3.65 -3.72
C PRO B 55 -15.26 -3.34 -2.44
N TRP B 56 -15.96 -2.21 -2.41
CA TRP B 56 -16.72 -1.79 -1.24
C TRP B 56 -17.93 -2.69 -0.98
N LYS B 57 -18.44 -3.30 -2.04
CA LYS B 57 -19.54 -4.25 -1.94
C LYS B 57 -19.02 -5.69 -1.82
N GLU B 58 -18.00 -6.01 -2.61
CA GLU B 58 -17.45 -7.36 -2.63
C GLU B 58 -16.67 -7.72 -1.35
N CYS B 59 -16.01 -6.73 -0.76
CA CYS B 59 -15.05 -7.01 0.32
C CYS B 59 -15.47 -6.43 1.67
N ASN B 60 -15.09 -7.13 2.74
CA ASN B 60 -15.19 -6.55 4.08
C ASN B 60 -13.95 -5.68 4.30
N THR B 61 -14.03 -4.43 3.83
CA THR B 61 -12.86 -3.55 3.77
C THR B 61 -12.32 -3.27 5.16
N ARG B 62 -13.22 -3.03 6.10
CA ARG B 62 -12.84 -2.83 7.49
C ARG B 62 -11.97 -3.98 8.01
N ARG B 63 -12.47 -5.20 7.88
CA ARG B 63 -11.73 -6.36 8.37
C ARG B 63 -10.38 -6.48 7.66
N MET B 64 -10.35 -6.15 6.37
CA MET B 64 -9.10 -6.15 5.61
C MET B 64 -8.09 -5.14 6.16
N GLU B 65 -8.57 -3.96 6.57
CA GLU B 65 -7.70 -2.97 7.22
C GLU B 65 -7.16 -3.55 8.52
N GLU B 66 -8.03 -4.14 9.32
CA GLU B 66 -7.65 -4.67 10.62
C GLU B 66 -6.72 -5.88 10.56
N ASP B 67 -7.07 -6.84 9.70
CA ASP B 67 -6.34 -8.12 9.63
C ASP B 67 -5.11 -8.00 8.77
N ASN B 68 -4.86 -6.82 8.25
CA ASN B 68 -3.69 -6.59 7.39
C ASN B 68 -3.76 -7.30 6.04
N VAL B 69 -4.84 -7.06 5.30
CA VAL B 69 -4.98 -7.61 3.95
C VAL B 69 -5.06 -6.60 2.81
N ARG B 70 -4.20 -6.80 1.80
CA ARG B 70 -4.12 -5.91 0.64
C ARG B 70 -5.22 -6.19 -0.37
N LEU B 71 -5.57 -5.16 -1.14
CA LEU B 71 -6.50 -5.33 -2.26
C LEU B 71 -5.79 -5.00 -3.55
N ALA B 72 -5.84 -5.91 -4.50
CA ALA B 72 -5.27 -5.68 -5.82
C ALA B 72 -6.35 -5.85 -6.87
N ARG B 73 -6.42 -4.90 -7.80
CA ARG B 73 -7.36 -4.99 -8.91
C ARG B 73 -6.58 -5.33 -10.16
N ARG B 74 -6.92 -6.46 -10.77
CA ARG B 74 -6.30 -6.85 -12.04
C ARG B 74 -6.98 -6.15 -13.22
N SER B 75 -6.39 -6.29 -14.40
CA SER B 75 -6.90 -5.64 -15.59
C SER B 75 -7.92 -6.52 -16.32
N SER B 76 -7.91 -7.80 -15.99
CA SER B 76 -8.88 -8.73 -16.57
C SER B 76 -10.21 -8.66 -15.82
N GLY B 77 -11.29 -9.08 -16.47
CA GLY B 77 -12.58 -9.20 -15.82
C GLY B 77 -12.59 -10.36 -14.85
N GLY B 78 -13.77 -10.71 -14.33
CA GLY B 78 -13.91 -11.86 -13.45
C GLY B 78 -14.19 -11.51 -12.00
N GLY B 79 -14.22 -12.53 -11.15
CA GLY B 79 -14.52 -12.35 -9.74
C GLY B 79 -13.29 -12.22 -8.84
N ALA B 80 -13.52 -12.23 -7.54
CA ALA B 80 -12.46 -11.97 -6.56
C ALA B 80 -11.78 -13.25 -6.07
N VAL B 81 -10.45 -13.19 -5.94
CA VAL B 81 -9.65 -14.31 -5.47
C VAL B 81 -8.91 -13.93 -4.17
N PHE B 82 -8.69 -14.92 -3.30
CA PHE B 82 -7.85 -14.69 -2.12
C PHE B 82 -6.53 -15.46 -2.19
N HIS B 83 -5.41 -14.76 -2.02
CA HIS B 83 -4.09 -15.38 -1.96
C HIS B 83 -3.49 -15.25 -0.57
N ASP B 84 -2.72 -16.26 -0.17
CA ASP B 84 -1.80 -16.16 0.96
C ASP B 84 -0.54 -16.88 0.55
N LEU B 85 0.48 -16.86 1.39
CA LEU B 85 1.77 -17.46 1.03
C LEU B 85 1.64 -18.97 0.87
N GLY B 86 0.48 -19.52 1.23
CA GLY B 86 0.17 -20.89 0.95
C GLY B 86 -0.12 -21.12 -0.52
N ASN B 87 -0.34 -20.03 -1.27
CA ASN B 87 -0.50 -20.15 -2.71
C ASN B 87 0.82 -19.92 -3.43
N THR B 88 1.12 -20.74 -4.43
CA THR B 88 2.25 -20.48 -5.32
C THR B 88 1.66 -20.13 -6.69
N CYS B 89 2.13 -19.04 -7.29
CA CYS B 89 1.57 -18.59 -8.56
C CYS B 89 2.53 -18.75 -9.72
N PHE B 90 1.96 -18.99 -10.89
CA PHE B 90 2.73 -19.11 -12.12
C PHE B 90 2.04 -18.35 -13.23
N THR B 91 2.80 -17.99 -14.26
CA THR B 91 2.25 -17.46 -15.50
C THR B 91 3.19 -17.80 -16.66
N PHE B 92 2.63 -18.38 -17.72
CA PHE B 92 3.38 -18.67 -18.94
C PHE B 92 2.95 -17.71 -20.04
N MET B 93 3.90 -17.22 -20.83
CA MET B 93 3.56 -16.42 -22.00
C MET B 93 4.35 -16.92 -23.20
N ALA B 94 3.70 -16.92 -24.37
CA ALA B 94 4.38 -17.22 -25.63
C ALA B 94 3.68 -16.49 -26.77
N GLY B 95 4.44 -16.11 -27.79
CA GLY B 95 3.86 -15.47 -28.96
C GLY B 95 3.05 -16.45 -29.80
N LYS B 96 2.18 -15.90 -30.65
CA LYS B 96 1.49 -16.70 -31.63
C LYS B 96 2.27 -16.66 -32.94
N PRO B 97 1.98 -17.61 -33.85
CA PRO B 97 0.99 -18.67 -33.63
C PRO B 97 1.55 -19.85 -32.84
N GLU B 98 2.75 -19.73 -32.27
CA GLU B 98 3.28 -20.78 -31.41
C GLU B 98 2.37 -21.11 -30.21
N TYR B 99 1.74 -20.07 -29.63
CA TYR B 99 0.98 -20.25 -28.40
C TYR B 99 -0.02 -21.39 -28.46
N ASP B 100 -0.03 -22.20 -27.41
CA ASP B 100 -0.94 -23.33 -27.30
C ASP B 100 -1.16 -23.61 -25.84
N LYS B 101 -2.41 -23.50 -25.39
CA LYS B 101 -2.71 -23.54 -23.96
C LYS B 101 -2.40 -24.86 -23.26
N THR B 102 -2.29 -25.94 -24.02
CA THR B 102 -2.03 -27.26 -23.46
C THR B 102 -0.56 -27.48 -23.07
N ILE B 103 0.33 -26.71 -23.69
CA ILE B 103 1.76 -26.82 -23.39
C ILE B 103 2.07 -26.43 -21.94
N SER B 104 1.63 -25.25 -21.54
CA SER B 104 1.82 -24.79 -20.18
C SER B 104 1.21 -25.77 -19.17
N THR B 105 0.03 -26.28 -19.49
CA THR B 105 -0.67 -27.21 -18.60
C THR B 105 0.09 -28.53 -18.40
N SER B 106 0.66 -29.07 -19.47
CA SER B 106 1.43 -30.31 -19.41
C SER B 106 2.67 -30.10 -18.56
N ILE B 107 3.34 -28.97 -18.76
CA ILE B 107 4.52 -28.60 -18.00
C ILE B 107 4.24 -28.64 -16.48
N VAL B 108 3.15 -28.00 -16.06
CA VAL B 108 2.79 -28.03 -14.64
C VAL B 108 2.50 -29.46 -14.17
N LEU B 109 1.67 -30.19 -14.91
CA LEU B 109 1.38 -31.58 -14.59
C LEU B 109 2.65 -32.43 -14.46
N ASN B 110 3.54 -32.31 -15.44
CA ASN B 110 4.83 -33.01 -15.37
C ASN B 110 5.57 -32.64 -14.10
N ALA B 111 5.45 -31.38 -13.68
CA ALA B 111 6.07 -30.91 -12.45
C ALA B 111 5.47 -31.63 -11.24
N LEU B 112 4.15 -31.69 -11.19
CA LEU B 112 3.44 -32.36 -10.10
C LEU B 112 3.71 -33.87 -10.06
N ASN B 113 3.64 -34.51 -11.22
CA ASN B 113 3.96 -35.94 -11.32
C ASN B 113 5.37 -36.23 -10.81
N ALA B 114 6.29 -35.30 -11.06
CA ALA B 114 7.66 -35.45 -10.63
C ALA B 114 7.83 -35.31 -9.12
N LEU B 115 6.93 -34.55 -8.50
CA LEU B 115 7.00 -34.32 -7.07
C LEU B 115 6.49 -35.53 -6.29
N GLY B 116 5.70 -36.36 -6.96
CA GLY B 116 5.18 -37.58 -6.35
C GLY B 116 3.68 -37.68 -6.44
N VAL B 117 3.06 -36.69 -7.06
CA VAL B 117 1.61 -36.63 -7.17
C VAL B 117 1.08 -37.17 -8.49
N SER B 118 -0.01 -37.94 -8.42
CA SER B 118 -0.72 -38.34 -9.64
C SER B 118 -1.76 -37.26 -9.95
N ALA B 119 -1.50 -36.47 -10.98
CA ALA B 119 -2.35 -35.33 -11.27
C ALA B 119 -2.73 -35.26 -12.74
N GLU B 120 -3.82 -34.58 -13.01
CA GLU B 120 -4.31 -34.48 -14.36
C GLU B 120 -5.18 -33.27 -14.48
N ALA B 121 -5.46 -32.89 -15.71
CA ALA B 121 -6.24 -31.71 -16.01
C ALA B 121 -7.72 -32.02 -15.82
N SER B 122 -8.52 -30.98 -15.63
CA SER B 122 -9.95 -31.16 -15.41
C SER B 122 -10.66 -29.87 -15.81
N GLY B 123 -11.54 -29.96 -16.80
CA GLY B 123 -12.16 -28.76 -17.33
C GLY B 123 -11.09 -28.11 -18.16
N ARG B 124 -11.11 -26.80 -18.32
CA ARG B 124 -10.07 -26.20 -19.14
C ARG B 124 -9.10 -25.40 -18.27
N ASN B 125 -9.35 -25.38 -16.96
CA ASN B 125 -8.62 -24.48 -16.06
C ASN B 125 -8.15 -25.12 -14.75
N ASP B 126 -8.72 -26.25 -14.37
CA ASP B 126 -8.36 -26.87 -13.11
C ASP B 126 -7.41 -28.05 -13.25
N LEU B 127 -6.66 -28.33 -12.18
CA LEU B 127 -5.85 -29.55 -12.11
C LEU B 127 -6.27 -30.31 -10.86
N VAL B 128 -6.53 -31.61 -11.02
CA VAL B 128 -7.01 -32.44 -9.92
C VAL B 128 -6.03 -33.57 -9.61
N VAL B 129 -5.96 -33.96 -8.34
CA VAL B 129 -5.05 -35.04 -7.95
C VAL B 129 -5.82 -36.23 -7.40
N LYS B 130 -5.25 -37.41 -7.54
CA LYS B 130 -5.82 -38.61 -6.93
C LYS B 130 -5.50 -38.65 -5.44
N THR B 131 -6.54 -38.83 -4.64
CA THR B 131 -6.38 -38.88 -3.20
C THR B 131 -7.04 -40.13 -2.65
N VAL B 132 -6.63 -40.53 -1.45
CA VAL B 132 -7.21 -41.70 -0.81
C VAL B 132 -8.70 -41.49 -0.56
N GLU B 133 -9.14 -40.23 -0.60
CA GLU B 133 -10.55 -39.88 -0.41
C GLU B 133 -11.23 -39.38 -1.68
N GLY B 134 -10.62 -39.63 -2.84
CA GLY B 134 -11.20 -39.21 -4.10
C GLY B 134 -10.40 -38.09 -4.77
N ASP B 135 -10.84 -37.66 -5.95
CA ASP B 135 -10.08 -36.64 -6.68
C ASP B 135 -10.33 -35.22 -6.16
N ARG B 136 -9.23 -34.47 -5.97
CA ARG B 136 -9.31 -33.13 -5.41
C ARG B 136 -8.58 -32.11 -6.29
N LYS B 137 -9.18 -30.93 -6.43
CA LYS B 137 -8.59 -29.84 -7.20
C LYS B 137 -7.50 -29.14 -6.39
N VAL B 138 -6.34 -28.94 -7.01
CA VAL B 138 -5.21 -28.31 -6.34
C VAL B 138 -4.74 -27.04 -7.04
N SER B 139 -5.44 -26.67 -8.13
CA SER B 139 -5.04 -25.52 -8.92
C SER B 139 -6.20 -24.96 -9.71
N GLY B 140 -6.26 -23.63 -9.80
CA GLY B 140 -7.18 -22.96 -10.71
C GLY B 140 -6.32 -22.06 -11.56
N SER B 141 -6.85 -21.63 -12.71
CA SER B 141 -6.08 -20.78 -13.61
C SER B 141 -6.98 -20.05 -14.59
N ALA B 142 -6.37 -19.23 -15.43
CA ALA B 142 -7.11 -18.46 -16.42
C ALA B 142 -6.24 -18.19 -17.64
N TYR B 143 -6.88 -18.04 -18.80
CA TYR B 143 -6.15 -17.75 -20.02
C TYR B 143 -6.46 -16.36 -20.51
N ARG B 144 -5.47 -15.73 -21.13
CA ARG B 144 -5.61 -14.39 -21.66
C ARG B 144 -4.93 -14.35 -23.01
N GLU B 145 -5.63 -13.84 -24.02
CA GLU B 145 -5.11 -13.90 -25.38
C GLU B 145 -5.12 -12.56 -26.10
N THR B 146 -4.15 -12.39 -27.00
CA THR B 146 -4.09 -11.26 -27.90
C THR B 146 -3.89 -11.84 -29.31
N LYS B 147 -3.80 -10.97 -30.31
CA LYS B 147 -3.46 -11.43 -31.66
C LYS B 147 -1.99 -11.79 -31.74
N ASP B 148 -1.19 -11.22 -30.84
CA ASP B 148 0.26 -11.43 -30.87
C ASP B 148 0.80 -12.46 -29.87
N ARG B 149 -0.04 -12.86 -28.90
CA ARG B 149 0.45 -13.75 -27.84
C ARG B 149 -0.66 -14.37 -27.00
N GLY B 150 -0.28 -15.39 -26.23
CA GLY B 150 -1.17 -16.01 -25.26
C GLY B 150 -0.50 -16.11 -23.90
N ALA B 151 -1.31 -16.03 -22.85
CA ALA B 151 -0.79 -16.15 -21.49
C ALA B 151 -1.65 -17.09 -20.66
N HIS B 152 -0.98 -18.02 -19.96
CA HIS B 152 -1.66 -18.91 -19.03
C HIS B 152 -1.12 -18.68 -17.62
N GLY B 153 -2.00 -18.29 -16.71
CA GLY B 153 -1.59 -18.07 -15.33
C GLY B 153 -2.48 -18.81 -14.35
N GLY B 154 -1.96 -19.04 -13.15
CA GLY B 154 -2.72 -19.75 -12.13
C GLY B 154 -2.00 -19.88 -10.81
N THR B 155 -2.66 -20.54 -9.86
CA THR B 155 -2.07 -20.77 -8.55
C THR B 155 -2.18 -22.23 -8.15
N LEU B 156 -1.18 -22.70 -7.44
CA LEU B 156 -1.21 -24.02 -6.87
C LEU B 156 -1.39 -23.88 -5.36
N LEU B 157 -2.23 -24.73 -4.79
CA LEU B 157 -2.50 -24.70 -3.35
C LEU B 157 -1.56 -25.66 -2.62
N LEU B 158 -0.58 -25.09 -1.93
CA LEU B 158 0.33 -25.90 -1.11
C LEU B 158 -0.14 -25.95 0.33
N ASN B 159 -0.24 -24.78 0.96
CA ASN B 159 -0.71 -24.70 2.33
C ASN B 159 -1.56 -23.44 2.48
N ALA B 160 -2.66 -23.38 1.75
CA ALA B 160 -3.59 -22.27 1.84
C ALA B 160 -4.64 -22.51 2.93
N ASP B 161 -4.93 -21.46 3.70
CA ASP B 161 -5.96 -21.50 4.74
C ASP B 161 -7.29 -21.11 4.11
N LEU B 162 -8.09 -22.12 3.78
CA LEU B 162 -9.29 -21.94 2.98
C LEU B 162 -10.47 -21.33 3.74
N SER B 163 -10.32 -21.21 5.06
CA SER B 163 -11.37 -20.64 5.89
C SER B 163 -11.21 -19.12 5.99
N ARG B 164 -10.42 -18.55 5.08
CA ARG B 164 -10.04 -17.16 5.18
C ARG B 164 -10.80 -16.25 4.21
N LEU B 165 -11.05 -16.76 3.01
CA LEU B 165 -11.77 -15.99 1.98
C LEU B 165 -13.05 -15.35 2.52
N ALA B 166 -13.80 -16.11 3.33
CA ALA B 166 -15.07 -15.64 3.87
C ALA B 166 -14.90 -14.48 4.84
N ASN B 167 -13.72 -14.36 5.43
CA ASN B 167 -13.45 -13.25 6.36
C ASN B 167 -13.46 -11.91 5.63
N TYR B 168 -13.06 -11.93 4.37
CA TYR B 168 -12.81 -10.71 3.61
C TYR B 168 -13.75 -10.54 2.41
N LEU B 169 -14.34 -11.64 1.95
CA LEU B 169 -15.31 -11.61 0.86
C LEU B 169 -16.72 -11.78 1.43
N ASN B 170 -17.67 -11.03 0.89
CA ASN B 170 -19.07 -11.10 1.34
C ASN B 170 -19.94 -11.98 0.46
N ARG B 187 -13.73 -31.23 -2.86
CA ARG B 187 -13.38 -30.57 -4.11
C ARG B 187 -11.93 -30.12 -4.11
N VAL B 188 -11.60 -29.16 -3.23
CA VAL B 188 -10.27 -28.60 -3.17
C VAL B 188 -9.37 -29.32 -2.15
N THR B 189 -8.07 -29.13 -2.29
CA THR B 189 -7.10 -29.71 -1.35
C THR B 189 -5.76 -29.01 -1.48
N ASN B 190 -4.99 -29.01 -0.38
CA ASN B 190 -3.61 -28.53 -0.42
C ASN B 190 -2.65 -29.68 -0.73
N LEU B 191 -1.61 -29.38 -1.49
CA LEU B 191 -0.60 -30.38 -1.82
C LEU B 191 0.02 -30.94 -0.54
N THR B 192 0.18 -30.08 0.46
CA THR B 192 0.82 -30.45 1.71
C THR B 192 0.13 -31.66 2.35
N GLU B 193 -1.09 -31.95 1.93
CA GLU B 193 -1.81 -33.12 2.42
C GLU B 193 -1.43 -34.39 1.68
N LEU B 194 -0.75 -34.24 0.55
CA LEU B 194 -0.27 -35.38 -0.22
C LEU B 194 1.24 -35.52 -0.02
N LEU B 195 1.91 -34.40 0.18
CA LEU B 195 3.35 -34.38 0.37
C LEU B 195 3.72 -33.47 1.53
N PRO B 196 3.52 -33.98 2.81
CA PRO B 196 3.91 -33.07 3.89
C PRO B 196 5.34 -32.59 3.73
N GLY B 197 5.56 -31.30 3.94
CA GLY B 197 6.89 -30.72 3.81
C GLY B 197 7.06 -29.99 2.49
N ILE B 198 6.12 -30.20 1.57
CA ILE B 198 6.18 -29.55 0.26
C ILE B 198 6.26 -28.04 0.41
N THR B 199 7.28 -27.45 -0.20
CA THR B 199 7.49 -25.99 -0.11
C THR B 199 7.27 -25.30 -1.44
N HIS B 200 7.17 -23.97 -1.38
CA HIS B 200 7.09 -23.11 -2.55
C HIS B 200 8.33 -23.26 -3.43
N GLU B 201 9.49 -23.36 -2.80
CA GLU B 201 10.75 -23.44 -3.53
C GLU B 201 10.87 -24.76 -4.31
N GLN B 202 10.33 -25.83 -3.72
CA GLN B 202 10.31 -27.14 -4.37
C GLN B 202 9.35 -27.16 -5.57
N VAL B 203 8.18 -26.56 -5.43
CA VAL B 203 7.25 -26.45 -6.54
C VAL B 203 7.83 -25.59 -7.66
N CYS B 204 8.40 -24.45 -7.29
CA CYS B 204 9.03 -23.57 -8.27
C CYS B 204 10.16 -24.26 -9.02
N GLU B 205 10.94 -25.06 -8.30
CA GLU B 205 12.06 -25.77 -8.91
C GLU B 205 11.57 -26.85 -9.87
N ALA B 206 10.48 -27.51 -9.49
CA ALA B 206 9.93 -28.58 -10.33
C ALA B 206 9.26 -28.04 -11.58
N ILE B 207 8.55 -26.92 -11.44
CA ILE B 207 7.93 -26.29 -12.61
C ILE B 207 9.04 -25.76 -13.53
N THR B 208 10.08 -25.21 -12.93
CA THR B 208 11.21 -24.69 -13.67
C THR B 208 11.89 -25.78 -14.52
N GLU B 209 12.04 -26.97 -13.94
CA GLU B 209 12.75 -28.07 -14.61
C GLU B 209 11.90 -28.69 -15.70
N ALA B 210 10.60 -28.83 -15.45
CA ALA B 210 9.68 -29.24 -16.48
C ALA B 210 9.76 -28.29 -17.68
N PHE B 211 9.66 -27.00 -17.39
CA PHE B 211 9.86 -25.94 -18.37
C PHE B 211 11.11 -26.21 -19.20
N PHE B 212 12.26 -26.32 -18.53
CA PHE B 212 13.52 -26.51 -19.24
C PHE B 212 13.53 -27.81 -20.06
N ALA B 213 12.90 -28.85 -19.53
CA ALA B 213 12.86 -30.14 -20.19
C ALA B 213 12.03 -30.09 -21.47
N HIS B 214 10.92 -29.35 -21.41
CA HIS B 214 10.07 -29.24 -22.59
C HIS B 214 10.79 -28.56 -23.74
N TYR B 215 11.44 -27.44 -23.46
CA TYR B 215 12.03 -26.62 -24.53
C TYR B 215 13.47 -26.96 -24.86
N GLY B 216 14.04 -27.93 -24.14
CA GLY B 216 15.41 -28.34 -24.38
C GLY B 216 16.39 -27.20 -24.21
N GLU B 217 16.09 -26.30 -23.26
CA GLU B 217 16.92 -25.13 -23.06
C GLU B 217 16.94 -24.73 -21.59
N ARG B 218 18.00 -24.02 -21.19
CA ARG B 218 18.22 -23.63 -19.81
C ARG B 218 18.73 -22.21 -19.76
N VAL B 219 18.17 -21.42 -18.85
CA VAL B 219 18.56 -20.02 -18.67
C VAL B 219 18.72 -19.67 -17.19
N GLU B 220 19.40 -18.56 -16.92
CA GLU B 220 19.56 -18.08 -15.55
C GLU B 220 18.28 -17.40 -15.06
N ALA B 221 17.85 -17.76 -13.86
CA ALA B 221 16.70 -17.11 -13.25
C ALA B 221 16.99 -15.63 -13.00
N GLU B 222 16.06 -14.77 -13.41
CA GLU B 222 16.13 -13.35 -13.02
C GLU B 222 15.34 -13.22 -11.72
N ILE B 223 16.05 -13.05 -10.61
CA ILE B 223 15.41 -12.89 -9.31
C ILE B 223 14.99 -11.42 -9.17
N ILE B 224 13.70 -11.17 -8.96
CA ILE B 224 13.20 -9.79 -8.99
C ILE B 224 12.42 -9.38 -7.75
N SER B 225 12.45 -8.08 -7.46
CA SER B 225 11.73 -7.49 -6.35
C SER B 225 11.66 -5.98 -6.55
N PRO B 226 10.84 -5.32 -5.79
CA PRO B 226 10.63 -3.89 -5.97
C PRO B 226 11.89 -3.07 -5.80
N ASN B 227 12.76 -3.48 -4.88
CA ASN B 227 14.03 -2.81 -4.69
C ASN B 227 14.93 -2.98 -5.91
N LYS B 228 14.43 -3.66 -6.93
CA LYS B 228 15.24 -3.95 -8.10
C LYS B 228 14.44 -4.27 -9.37
N THR B 229 14.06 -3.22 -10.08
CA THR B 229 13.24 -3.33 -11.28
C THR B 229 13.62 -4.44 -12.21
N PRO B 230 12.66 -5.27 -12.55
CA PRO B 230 12.85 -6.20 -13.66
C PRO B 230 13.20 -5.43 -14.94
N ASP B 231 13.99 -6.04 -15.81
CA ASP B 231 14.29 -5.47 -17.12
C ASP B 231 13.05 -5.60 -18.01
N LEU B 232 12.04 -4.80 -17.73
CA LEU B 232 10.76 -4.86 -18.46
C LEU B 232 10.32 -3.47 -18.87
N PRO B 233 9.91 -3.32 -20.14
CA PRO B 233 9.50 -2.01 -20.64
C PRO B 233 8.35 -1.40 -19.85
N ASN B 234 8.51 -0.13 -19.49
CA ASN B 234 7.49 0.60 -18.76
C ASN B 234 7.10 -0.03 -17.42
N PHE B 235 7.98 -0.84 -16.84
CA PHE B 235 7.65 -1.43 -15.55
C PHE B 235 7.38 -0.37 -14.48
N ALA B 236 8.34 0.52 -14.27
CA ALA B 236 8.23 1.56 -13.27
C ALA B 236 6.83 2.18 -13.23
N GLU B 237 6.36 2.65 -14.38
CA GLU B 237 5.04 3.26 -14.48
C GLU B 237 3.93 2.24 -14.23
N THR B 238 4.09 1.04 -14.79
CA THR B 238 3.13 -0.03 -14.54
C THR B 238 3.03 -0.31 -13.02
N PHE B 239 4.17 -0.43 -12.36
CA PHE B 239 4.19 -0.70 -10.92
C PHE B 239 3.50 0.42 -10.13
N ALA B 240 3.75 1.67 -10.51
CA ALA B 240 3.17 2.80 -9.77
C ALA B 240 1.65 2.81 -9.83
N ARG B 241 1.11 2.54 -11.01
CA ARG B 241 -0.34 2.49 -11.18
C ARG B 241 -0.93 1.29 -10.43
N GLN B 242 -0.31 0.13 -10.59
CA GLN B 242 -0.81 -1.09 -9.99
C GLN B 242 -0.93 -0.98 -8.48
N SER B 243 0.03 -0.28 -7.87
CA SER B 243 0.07 -0.17 -6.41
C SER B 243 -0.71 1.02 -5.89
N SER B 244 -1.36 1.76 -6.78
CA SER B 244 -2.04 2.98 -6.36
C SER B 244 -3.43 2.69 -5.79
N TRP B 245 -3.77 3.38 -4.70
CA TRP B 245 -5.09 3.29 -4.10
C TRP B 245 -6.17 3.58 -5.13
N GLU B 246 -5.91 4.56 -5.99
CA GLU B 246 -6.91 5.01 -6.96
C GLU B 246 -7.28 3.89 -7.95
N TRP B 247 -6.33 3.04 -8.30
CA TRP B 247 -6.61 1.91 -9.18
C TRP B 247 -7.29 0.76 -8.46
N ASN B 248 -6.71 0.36 -7.31
CA ASN B 248 -7.22 -0.79 -6.58
C ASN B 248 -8.59 -0.58 -5.94
N PHE B 249 -8.76 0.53 -5.23
CA PHE B 249 -10.05 0.82 -4.64
C PHE B 249 -10.92 1.72 -5.50
N GLY B 250 -10.42 2.91 -5.81
CA GLY B 250 -11.24 3.97 -6.36
C GLY B 250 -12.23 4.40 -5.29
N GLN B 251 -12.77 5.62 -5.38
CA GLN B 251 -13.77 6.06 -4.42
C GLN B 251 -15.04 5.23 -4.55
N ALA B 252 -15.75 5.10 -3.44
CA ALA B 252 -16.99 4.32 -3.40
C ALA B 252 -18.09 5.01 -4.21
N PRO B 253 -18.92 4.22 -4.90
CA PRO B 253 -20.03 4.78 -5.68
C PRO B 253 -21.06 5.43 -4.79
N ALA B 254 -21.26 6.74 -4.93
CA ALA B 254 -22.26 7.45 -4.15
C ALA B 254 -23.38 7.95 -5.06
N PHE B 255 -24.42 7.13 -5.22
CA PHE B 255 -25.53 7.47 -6.10
C PHE B 255 -26.85 7.28 -5.35
N SER B 256 -27.93 7.79 -5.94
CA SER B 256 -29.24 7.76 -5.30
C SER B 256 -30.05 6.55 -5.70
N HIS B 257 -29.74 5.97 -6.86
CA HIS B 257 -30.45 4.80 -7.36
C HIS B 257 -29.50 3.62 -7.56
N LEU B 258 -30.07 2.42 -7.62
CA LEU B 258 -29.29 1.21 -7.89
C LEU B 258 -30.18 0.11 -8.44
N LEU B 259 -29.71 -0.52 -9.50
CA LEU B 259 -30.38 -1.68 -10.07
C LEU B 259 -29.34 -2.77 -10.24
N ASP B 260 -29.63 -3.95 -9.71
CA ASP B 260 -28.68 -5.04 -9.75
C ASP B 260 -29.37 -6.37 -10.04
N GLU B 261 -28.60 -7.29 -10.60
CA GLU B 261 -29.09 -8.61 -10.97
C GLU B 261 -27.91 -9.55 -11.14
N ARG B 262 -28.16 -10.85 -10.98
CA ARG B 262 -27.12 -11.85 -11.17
C ARG B 262 -27.46 -12.74 -12.35
N PHE B 263 -26.57 -12.77 -13.34
CA PHE B 263 -26.78 -13.62 -14.51
C PHE B 263 -25.80 -14.78 -14.48
N THR B 264 -26.14 -15.85 -15.20
CA THR B 264 -25.20 -16.96 -15.38
C THR B 264 -23.81 -16.46 -15.72
N TRP B 265 -23.75 -15.34 -16.45
CA TRP B 265 -22.47 -14.82 -16.93
C TRP B 265 -21.89 -13.70 -16.04
N GLY B 266 -22.47 -13.50 -14.85
CA GLY B 266 -21.95 -12.51 -13.93
C GLY B 266 -23.00 -11.66 -13.27
N GLY B 267 -22.64 -11.01 -12.17
CA GLY B 267 -23.53 -10.08 -11.49
C GLY B 267 -23.36 -8.69 -12.05
N VAL B 268 -24.40 -7.87 -11.89
CA VAL B 268 -24.38 -6.50 -12.39
C VAL B 268 -24.96 -5.53 -11.37
N GLU B 269 -24.26 -4.41 -11.15
CA GLU B 269 -24.79 -3.32 -10.34
C GLU B 269 -24.76 -2.06 -11.18
N LEU B 270 -25.94 -1.48 -11.37
CA LEU B 270 -26.04 -0.24 -12.12
C LEU B 270 -26.43 0.89 -11.17
N HIS B 271 -25.47 1.75 -10.86
CA HIS B 271 -25.69 2.89 -9.96
C HIS B 271 -25.96 4.13 -10.80
N PHE B 272 -26.84 5.01 -10.33
CA PHE B 272 -27.12 6.24 -11.06
C PHE B 272 -27.92 7.29 -10.30
N ASP B 273 -27.82 8.52 -10.77
CA ASP B 273 -28.67 9.60 -10.29
C ASP B 273 -29.70 9.93 -11.37
N VAL B 274 -30.92 10.27 -10.94
CA VAL B 274 -31.95 10.75 -11.86
C VAL B 274 -32.38 12.16 -11.45
N GLU B 275 -32.23 13.12 -12.34
CA GLU B 275 -32.73 14.48 -12.09
C GLU B 275 -33.53 14.92 -13.30
N LYS B 276 -34.62 15.64 -13.06
CA LYS B 276 -35.49 16.09 -14.15
C LYS B 276 -35.73 15.00 -15.18
N GLY B 277 -35.98 13.78 -14.69
CA GLY B 277 -36.38 12.68 -15.56
C GLY B 277 -35.28 12.07 -16.42
N HIS B 278 -34.04 12.52 -16.23
CA HIS B 278 -32.91 12.00 -17.01
C HIS B 278 -31.76 11.52 -16.13
N ILE B 279 -31.08 10.45 -16.54
CA ILE B 279 -29.87 10.04 -15.84
C ILE B 279 -28.75 11.08 -15.96
N THR B 280 -28.28 11.60 -14.82
CA THR B 280 -27.24 12.64 -14.80
C THR B 280 -25.83 12.10 -14.53
N ARG B 281 -25.76 10.85 -14.07
CA ARG B 281 -24.50 10.16 -13.87
C ARG B 281 -24.83 8.71 -13.55
N ALA B 282 -23.94 7.80 -13.97
CA ALA B 282 -24.14 6.38 -13.73
C ALA B 282 -22.79 5.69 -13.58
N GLN B 283 -22.79 4.51 -12.97
CA GLN B 283 -21.58 3.70 -12.90
C GLN B 283 -22.01 2.25 -12.77
N VAL B 284 -21.37 1.36 -13.53
CA VAL B 284 -21.76 -0.04 -13.58
C VAL B 284 -20.63 -0.96 -13.10
N PHE B 285 -20.94 -1.87 -12.19
CA PHE B 285 -19.95 -2.84 -11.73
C PHE B 285 -20.35 -4.26 -12.15
N THR B 286 -19.37 -5.15 -12.28
CA THR B 286 -19.66 -6.53 -12.67
C THR B 286 -18.46 -7.45 -12.50
N ASP B 287 -18.73 -8.74 -12.27
CA ASP B 287 -17.67 -9.76 -12.23
C ASP B 287 -17.66 -10.57 -13.52
N SER B 288 -18.40 -10.11 -14.52
CA SER B 288 -18.37 -10.77 -15.83
C SER B 288 -16.94 -10.86 -16.35
N LEU B 289 -16.71 -11.82 -17.24
CA LEU B 289 -15.40 -11.97 -17.86
C LEU B 289 -15.27 -11.01 -19.04
N ASN B 290 -16.37 -10.40 -19.43
CA ASN B 290 -16.33 -9.41 -20.52
C ASN B 290 -17.06 -8.14 -20.11
N PRO B 291 -16.37 -7.25 -19.37
CA PRO B 291 -16.98 -6.04 -18.82
C PRO B 291 -17.14 -4.92 -19.84
N ALA B 292 -16.37 -4.95 -20.93
CA ALA B 292 -16.36 -3.86 -21.90
C ALA B 292 -17.74 -3.30 -22.30
N PRO B 293 -18.64 -4.17 -22.79
CA PRO B 293 -19.96 -3.70 -23.19
C PRO B 293 -20.72 -3.07 -22.04
N LEU B 294 -20.44 -3.52 -20.81
CA LEU B 294 -21.09 -2.91 -19.64
C LEU B 294 -20.49 -1.54 -19.33
N GLU B 295 -19.21 -1.37 -19.59
CA GLU B 295 -18.56 -0.07 -19.43
C GLU B 295 -19.10 0.87 -20.51
N ALA B 296 -19.22 0.37 -21.72
CA ALA B 296 -19.82 1.15 -22.81
C ALA B 296 -21.26 1.55 -22.50
N LEU B 297 -22.04 0.64 -21.91
CA LEU B 297 -23.41 0.96 -21.51
C LEU B 297 -23.45 2.12 -20.51
N ALA B 298 -22.58 2.08 -19.51
CA ALA B 298 -22.52 3.17 -18.56
C ALA B 298 -22.26 4.48 -19.30
N GLY B 299 -21.42 4.42 -20.33
CA GLY B 299 -21.12 5.59 -21.12
C GLY B 299 -22.32 6.13 -21.88
N ARG B 300 -23.18 5.22 -22.36
CA ARG B 300 -24.32 5.63 -23.17
C ARG B 300 -25.54 5.97 -22.33
N LEU B 301 -25.51 5.63 -21.05
CA LEU B 301 -26.61 5.99 -20.16
C LEU B 301 -26.63 7.47 -19.75
N GLN B 302 -25.47 8.12 -19.83
N GLN B 302 -25.50 8.14 -19.80
CA GLN B 302 -25.37 9.52 -19.44
CA GLN B 302 -25.43 9.53 -19.40
C GLN B 302 -26.35 10.35 -20.26
C GLN B 302 -26.36 10.36 -20.25
N GLY B 303 -27.27 11.05 -19.58
CA GLY B 303 -28.27 11.86 -20.24
C GLY B 303 -29.50 11.10 -20.70
N CYS B 304 -29.53 9.79 -20.49
CA CYS B 304 -30.67 9.00 -20.97
C CYS B 304 -31.97 9.31 -20.19
N LEU B 305 -33.09 9.38 -20.90
CA LEU B 305 -34.40 9.52 -20.26
C LEU B 305 -34.62 8.31 -19.35
N TYR B 306 -34.99 8.53 -18.10
CA TYR B 306 -35.20 7.40 -17.19
C TYR B 306 -36.53 6.72 -17.48
N ARG B 307 -36.50 5.74 -18.38
CA ARG B 307 -37.69 5.01 -18.79
C ARG B 307 -37.30 3.69 -19.48
N ALA B 308 -37.97 2.61 -19.10
CA ALA B 308 -37.62 1.27 -19.58
C ALA B 308 -37.28 1.23 -21.06
N ASP B 309 -38.26 1.54 -21.91
CA ASP B 309 -38.04 1.56 -23.35
C ASP B 309 -36.74 2.26 -23.74
N MET B 310 -36.36 3.28 -22.98
CA MET B 310 -35.18 4.09 -23.29
C MET B 310 -33.88 3.42 -22.85
N LEU B 311 -33.90 2.80 -21.69
CA LEU B 311 -32.75 2.08 -21.17
C LEU B 311 -32.56 0.79 -21.94
N GLN B 312 -33.67 0.08 -22.17
CA GLN B 312 -33.67 -1.13 -22.96
C GLN B 312 -33.14 -0.85 -24.36
N GLN B 313 -33.47 0.33 -24.90
CA GLN B 313 -32.94 0.70 -26.21
C GLN B 313 -31.43 0.68 -26.18
N GLU B 314 -30.85 1.32 -25.16
CA GLU B 314 -29.40 1.42 -25.04
C GLU B 314 -28.72 0.05 -25.01
N CYS B 315 -29.23 -0.86 -24.17
CA CYS B 315 -28.67 -2.21 -24.08
C CYS B 315 -28.64 -2.89 -25.44
N GLU B 316 -29.34 -2.32 -26.42
CA GLU B 316 -29.51 -2.96 -27.72
C GLU B 316 -28.75 -2.25 -28.84
N ALA B 317 -28.39 -0.99 -28.63
CA ALA B 317 -27.43 -0.34 -29.52
C ALA B 317 -26.02 -0.81 -29.17
N LEU B 318 -25.92 -1.75 -28.22
CA LEU B 318 -24.64 -2.37 -27.87
C LEU B 318 -24.40 -3.63 -28.70
N LEU B 319 -25.47 -4.38 -28.98
CA LEU B 319 -25.39 -5.65 -29.72
C LEU B 319 -24.50 -5.55 -30.96
N VAL B 320 -24.63 -4.44 -31.69
CA VAL B 320 -23.91 -4.25 -32.94
C VAL B 320 -22.40 -4.17 -32.71
N ASP B 321 -22.00 -3.57 -31.59
CA ASP B 321 -20.59 -3.35 -31.31
C ASP B 321 -19.96 -4.51 -30.56
N PHE B 322 -20.79 -5.33 -29.92
CA PHE B 322 -20.30 -6.44 -29.12
C PHE B 322 -20.92 -7.78 -29.54
N PRO B 323 -20.60 -8.21 -30.77
CA PRO B 323 -21.14 -9.43 -31.40
C PRO B 323 -20.93 -10.67 -30.53
N GLU B 324 -19.77 -10.80 -29.90
CA GLU B 324 -19.48 -11.97 -29.08
C GLU B 324 -20.32 -12.05 -27.79
N GLN B 325 -20.97 -10.95 -27.42
CA GLN B 325 -21.76 -10.91 -26.18
C GLN B 325 -23.27 -10.77 -26.38
N GLU B 326 -23.72 -10.85 -27.63
CA GLU B 326 -25.14 -10.66 -27.93
C GLU B 326 -26.07 -11.43 -27.00
N LYS B 327 -25.93 -12.75 -26.99
CA LYS B 327 -26.77 -13.62 -26.17
C LYS B 327 -26.87 -13.10 -24.73
N GLU B 328 -25.74 -12.65 -24.18
CA GLU B 328 -25.72 -12.11 -22.83
C GLU B 328 -26.41 -10.75 -22.77
N LEU B 329 -26.14 -9.90 -23.75
CA LEU B 329 -26.71 -8.55 -23.78
C LEU B 329 -28.24 -8.55 -23.91
N ARG B 330 -28.76 -9.45 -24.74
CA ARG B 330 -30.22 -9.59 -24.88
C ARG B 330 -30.87 -9.97 -23.54
N GLU B 331 -30.14 -10.68 -22.70
CA GLU B 331 -30.61 -11.01 -21.36
C GLU B 331 -30.62 -9.75 -20.52
N LEU B 332 -29.62 -8.90 -20.72
CA LEU B 332 -29.54 -7.60 -20.07
C LEU B 332 -30.82 -6.79 -20.31
N SER B 333 -31.03 -6.42 -21.57
CA SER B 333 -32.16 -5.55 -21.93
C SER B 333 -33.50 -6.07 -21.42
N ALA B 334 -33.79 -7.35 -21.68
CA ALA B 334 -35.01 -7.96 -21.20
C ALA B 334 -35.14 -7.73 -19.70
N TRP B 335 -34.01 -7.74 -19.01
CA TRP B 335 -33.96 -7.45 -17.58
C TRP B 335 -34.29 -5.99 -17.27
N MET B 336 -33.57 -5.08 -17.91
CA MET B 336 -33.75 -3.66 -17.61
C MET B 336 -35.17 -3.23 -17.95
N ALA B 337 -35.71 -3.76 -19.04
CA ALA B 337 -37.07 -3.42 -19.47
C ALA B 337 -38.12 -3.72 -18.39
N GLY B 338 -37.80 -4.66 -17.51
CA GLY B 338 -38.71 -5.02 -16.43
C GLY B 338 -38.28 -4.49 -15.08
N ALA B 339 -37.02 -4.07 -14.98
CA ALA B 339 -36.44 -3.65 -13.70
C ALA B 339 -36.61 -2.16 -13.39
N VAL B 340 -37.00 -1.37 -14.39
CA VAL B 340 -37.09 0.08 -14.24
C VAL B 340 -38.34 0.57 -13.49
N ARG B 341 -39.46 -0.08 -13.75
CA ARG B 341 -40.74 0.33 -13.17
C ARG B 341 -40.77 0.21 -11.64
#